data_6BT0
#
_entry.id   6BT0
#
_cell.length_a   49.150
_cell.length_b   60.140
_cell.length_c   66.320
_cell.angle_alpha   68.350
_cell.angle_beta   90.010
_cell.angle_gamma   72.050
#
_symmetry.space_group_name_H-M   'P 1'
#
loop_
_entity.id
_entity.type
_entity.pdbx_description
1 polymer 'GTP-binding protein Rheb'
2 non-polymer 'MAGNESIUM ION'
3 non-polymer "GUANOSINE-5'-DIPHOSPHATE"
4 non-polymer '4-bromo-6-[(3,4-dichlorophenyl)sulfanyl]-1-{[4-(dimethylcarbamoyl)phenyl]methyl}-1H-indole-2-carboxylic acid'
5 water water
#
_entity_poly.entity_id   1
_entity_poly.type   'polypeptide(L)'
_entity_poly.pdbx_seq_one_letter_code
;SMPQSKSRKIAILGYRSVGKSSLTIQFVEGQFVDSYDPTIENTFTKLITVNGQEYHLQLVDTAGQDEYSIFPQTYSIDIN
GYILVYSVTSIKSFEVIKVIHGKLLDMVGKVQIPIMLVGNKKDLHMERVISYEEGKALAESWNAAFLESSAKENQTAVDV
FRRIILEAEKLEHHHHHH
;
_entity_poly.pdbx_strand_id   A,B,C,D
#
loop_
_chem_comp.id
_chem_comp.type
_chem_comp.name
_chem_comp.formula
E7V non-polymer '4-bromo-6-[(3,4-dichlorophenyl)sulfanyl]-1-{[4-(dimethylcarbamoyl)phenyl]methyl}-1H-indole-2-carboxylic acid' 'C25 H19 Br Cl2 N2 O3 S'
GDP RNA linking GUANOSINE-5'-DIPHOSPHATE 'C10 H15 N5 O11 P2'
MG non-polymer 'MAGNESIUM ION' 'Mg 2'
#
# COMPACT_ATOMS: atom_id res chain seq x y z
N GLN A 4 43.25 -1.06 0.68
CA GLN A 4 43.70 -0.29 1.88
C GLN A 4 42.68 0.77 2.37
N SER A 5 41.43 0.34 2.49
CA SER A 5 40.34 1.14 3.08
C SER A 5 40.49 1.26 4.61
N LYS A 6 39.64 2.09 5.22
CA LYS A 6 39.63 2.28 6.67
C LYS A 6 38.40 1.65 7.29
N SER A 7 38.35 1.58 8.62
CA SER A 7 37.23 0.92 9.32
C SER A 7 36.84 1.64 10.63
N ARG A 8 35.62 2.15 10.65
CA ARG A 8 35.11 2.86 11.78
C ARG A 8 33.96 2.07 12.38
N LYS A 9 33.93 2.03 13.69
CA LYS A 9 32.95 1.31 14.46
C LYS A 9 32.34 2.43 15.31
N ILE A 10 31.02 2.55 15.23
CA ILE A 10 30.28 3.65 15.87
C ILE A 10 29.26 3.10 16.87
N ALA A 11 29.29 3.64 18.07
CA ALA A 11 28.27 3.30 19.05
C ALA A 11 27.12 4.33 18.98
N ILE A 12 25.89 3.83 18.76
CA ILE A 12 24.69 4.67 18.82
C ILE A 12 24.02 4.53 20.19
N LEU A 13 23.96 5.64 20.92
CA LEU A 13 23.52 5.64 22.31
C LEU A 13 22.32 6.53 22.46
N GLY A 14 21.55 6.31 23.54
CA GLY A 14 20.31 7.04 23.74
C GLY A 14 19.27 6.27 24.53
N TYR A 15 18.22 6.99 24.92
CA TYR A 15 17.36 6.56 26.00
C TYR A 15 16.58 5.31 25.63
N ARG A 16 15.46 5.48 24.95
CA ARG A 16 14.49 4.41 24.78
C ARG A 16 13.45 5.05 23.90
N SER A 17 13.25 4.48 22.72
CA SER A 17 12.25 4.96 21.77
C SER A 17 12.50 6.38 21.19
N VAL A 18 13.75 6.84 21.21
CA VAL A 18 14.15 8.08 20.53
C VAL A 18 14.57 7.86 19.08
N GLY A 19 14.57 6.62 18.63
CA GLY A 19 14.78 6.36 17.21
C GLY A 19 16.14 5.88 16.80
N LYS A 20 16.93 5.34 17.72
CA LYS A 20 18.26 4.87 17.39
C LYS A 20 18.24 3.87 16.23
N SER A 21 17.41 2.86 16.37
CA SER A 21 17.27 1.80 15.38
C SER A 21 16.70 2.37 14.10
N SER A 22 15.61 3.12 14.21
CA SER A 22 14.93 3.61 13.02
C SER A 22 15.83 4.48 12.15
N LEU A 23 16.59 5.36 12.82
CA LEU A 23 17.58 6.27 12.19
C LEU A 23 18.73 5.49 11.51
N THR A 24 19.29 4.50 12.21
CA THR A 24 20.33 3.65 11.67
C THR A 24 19.90 2.79 10.48
N ILE A 25 18.68 2.26 10.57
CA ILE A 25 18.12 1.37 9.56
C ILE A 25 17.86 2.20 8.29
N GLN A 26 17.25 3.37 8.49
CA GLN A 26 17.05 4.33 7.42
C GLN A 26 18.38 4.57 6.66
N PHE A 27 19.45 4.94 7.35
CA PHE A 27 20.77 5.14 6.73
C PHE A 27 21.25 3.95 5.89
N VAL A 28 21.11 2.71 6.42
CA VAL A 28 21.71 1.48 5.80
C VAL A 28 20.79 0.75 4.79
N GLU A 29 19.49 0.73 5.06
CA GLU A 29 18.50 0.13 4.16
C GLU A 29 17.84 1.08 3.18
N GLY A 30 17.81 2.38 3.47
CA GLY A 30 16.99 3.35 2.69
C GLY A 30 15.52 3.35 3.10
N GLN A 31 15.22 2.69 4.24
CA GLN A 31 13.85 2.35 4.69
C GLN A 31 13.59 2.84 6.14
N PHE A 32 12.48 3.55 6.35
CA PHE A 32 11.89 3.77 7.67
C PHE A 32 11.04 2.56 8.09
N VAL A 33 11.36 1.95 9.22
CA VAL A 33 10.56 0.85 9.79
C VAL A 33 9.49 1.34 10.76
N ASP A 34 8.42 0.54 10.87
CA ASP A 34 7.26 0.83 11.76
C ASP A 34 7.55 0.51 13.21
N SER A 35 8.00 -0.72 13.46
CA SER A 35 8.61 -1.10 14.75
C SER A 35 9.85 -1.90 14.53
N TYR A 36 10.75 -1.80 15.49
CA TYR A 36 11.91 -2.65 15.57
C TYR A 36 12.14 -2.98 17.06
N ASP A 37 12.47 -4.25 17.34
CA ASP A 37 12.52 -4.74 18.70
C ASP A 37 13.56 -3.96 19.50
N PRO A 38 13.14 -3.34 20.60
CA PRO A 38 14.01 -2.51 21.44
C PRO A 38 14.87 -3.31 22.43
N THR A 39 14.85 -4.63 22.35
CA THR A 39 15.83 -5.45 23.07
C THR A 39 17.14 -5.57 22.28
N ILE A 40 17.04 -5.48 20.96
CA ILE A 40 18.13 -5.94 20.10
C ILE A 40 19.27 -4.93 20.02
N GLU A 41 20.44 -5.36 20.51
CA GLU A 41 21.69 -4.75 20.09
C GLU A 41 22.08 -5.50 18.83
N ASN A 42 22.24 -4.76 17.73
CA ASN A 42 22.75 -5.32 16.48
C ASN A 42 23.77 -4.40 15.80
N THR A 43 24.82 -4.99 15.22
CA THR A 43 25.79 -4.26 14.44
C THR A 43 25.41 -4.29 12.94
N PHE A 44 25.11 -3.12 12.39
CA PHE A 44 24.87 -2.94 10.96
C PHE A 44 26.17 -2.49 10.25
N THR A 45 26.29 -2.83 8.97
CA THR A 45 27.45 -2.46 8.17
C THR A 45 27.06 -1.64 6.92
N LYS A 46 28.00 -0.84 6.43
CA LYS A 46 27.72 0.12 5.37
C LYS A 46 29.02 0.72 4.80
N LEU A 47 29.03 0.86 3.48
CA LEU A 47 30.07 1.60 2.80
C LEU A 47 29.62 3.06 2.68
N ILE A 48 30.55 3.95 2.94
CA ILE A 48 30.41 5.34 2.55
C ILE A 48 31.81 5.84 2.19
N THR A 49 31.86 6.66 1.16
CA THR A 49 33.08 7.34 0.75
C THR A 49 33.03 8.77 1.29
N VAL A 50 34.07 9.15 2.03
CA VAL A 50 34.17 10.45 2.68
C VAL A 50 35.49 11.14 2.36
N ASN A 51 35.41 12.29 1.68
CA ASN A 51 36.59 13.00 1.18
C ASN A 51 37.56 12.09 0.42
N GLY A 52 36.97 11.25 -0.45
CA GLY A 52 37.71 10.28 -1.30
C GLY A 52 38.20 9.00 -0.62
N GLN A 53 37.98 8.89 0.70
CA GLN A 53 38.41 7.73 1.50
C GLN A 53 37.21 6.79 1.67
N GLU A 54 37.36 5.54 1.24
CA GLU A 54 36.28 4.54 1.35
C GLU A 54 36.28 3.96 2.76
N TYR A 55 35.16 4.10 3.46
CA TYR A 55 35.04 3.67 4.84
C TYR A 55 34.14 2.42 4.96
N HIS A 56 34.54 1.53 5.87
CA HIS A 56 33.82 0.30 6.24
C HIS A 56 33.28 0.56 7.63
N LEU A 57 31.98 0.82 7.69
CA LEU A 57 31.32 1.19 8.92
C LEU A 57 30.71 -0.02 9.58
N GLN A 58 30.85 -0.04 10.91
CA GLN A 58 30.16 -0.96 11.79
C GLN A 58 29.37 -0.10 12.76
N LEU A 59 28.04 -0.24 12.74
CA LEU A 59 27.14 0.62 13.52
C LEU A 59 26.43 -0.17 14.62
N VAL A 60 26.77 0.15 15.88
CA VAL A 60 26.22 -0.56 17.02
C VAL A 60 24.95 0.13 17.46
N ASP A 61 23.82 -0.47 17.10
CA ASP A 61 22.50 0.02 17.52
C ASP A 61 22.14 -0.49 18.93
N THR A 62 22.66 0.18 19.96
CA THR A 62 22.52 -0.33 21.33
C THR A 62 21.09 -0.50 21.74
N ALA A 63 20.86 -1.41 22.67
CA ALA A 63 19.50 -1.69 23.16
C ALA A 63 18.83 -0.44 23.72
N GLY A 64 19.61 0.36 24.46
CA GLY A 64 19.21 1.65 25.00
C GLY A 64 19.98 1.87 26.28
N GLN A 65 20.00 3.09 26.82
CA GLN A 65 20.49 3.30 28.19
C GLN A 65 19.51 4.16 28.99
N ASP A 66 19.84 4.38 30.26
CA ASP A 66 19.13 5.30 31.14
C ASP A 66 20.04 5.89 32.22
N GLU A 67 19.48 6.77 33.06
CA GLU A 67 20.16 7.41 34.22
C GLU A 67 21.10 6.52 35.03
N TYR A 68 20.71 5.27 35.24
CA TYR A 68 21.44 4.38 36.11
C TYR A 68 22.40 3.49 35.37
N SER A 69 22.26 3.37 34.06
CA SER A 69 23.16 2.54 33.28
C SER A 69 24.64 2.83 33.58
N ILE A 70 25.43 1.83 33.24
CA ILE A 70 26.74 1.60 33.82
C ILE A 70 27.64 1.43 32.61
N PHE A 71 28.68 2.23 32.49
CA PHE A 71 29.61 2.04 31.38
C PHE A 71 30.93 1.39 31.84
N PRO A 72 31.05 0.05 31.69
CA PRO A 72 32.20 -0.61 32.26
C PRO A 72 33.46 -0.20 31.51
N GLN A 73 34.62 -0.33 32.18
CA GLN A 73 35.94 0.08 31.63
C GLN A 73 36.27 -0.41 30.19
N THR A 74 35.76 -1.60 29.85
CA THR A 74 36.02 -2.26 28.59
C THR A 74 35.29 -1.69 27.36
N TYR A 75 34.24 -0.92 27.58
CA TYR A 75 33.34 -0.50 26.49
C TYR A 75 34.05 0.21 25.32
N SER A 76 35.05 1.03 25.64
CA SER A 76 35.83 1.85 24.67
C SER A 76 36.57 1.00 23.65
N ILE A 77 37.36 0.07 24.18
CA ILE A 77 38.14 -0.90 23.40
C ILE A 77 38.31 -0.56 21.90
N ASP A 78 37.32 -0.89 21.08
CA ASP A 78 37.45 -0.80 19.62
C ASP A 78 36.42 0.17 19.04
N ILE A 79 36.10 1.23 19.79
CA ILE A 79 35.07 2.21 19.41
C ILE A 79 35.78 3.42 18.81
N ASN A 80 35.44 3.73 17.57
CA ASN A 80 36.00 4.89 16.91
C ASN A 80 35.13 6.11 17.04
N GLY A 81 33.86 5.93 17.39
CA GLY A 81 32.98 7.08 17.58
C GLY A 81 31.66 6.77 18.24
N TYR A 82 31.09 7.82 18.85
CA TYR A 82 29.87 7.73 19.65
C TYR A 82 28.86 8.74 19.14
N ILE A 83 27.64 8.29 18.86
CA ILE A 83 26.54 9.18 18.53
C ILE A 83 25.49 9.07 19.63
N LEU A 84 25.16 10.20 20.25
CA LEU A 84 24.23 10.25 21.37
C LEU A 84 22.88 10.86 20.90
N VAL A 85 21.79 10.09 21.05
CA VAL A 85 20.51 10.48 20.47
C VAL A 85 19.46 10.68 21.53
N TYR A 86 18.75 11.81 21.42
CA TYR A 86 17.55 12.11 22.22
C TYR A 86 16.41 12.36 21.25
N SER A 87 15.20 12.37 21.77
CA SER A 87 14.05 12.81 20.99
C SER A 87 13.67 14.25 21.40
N VAL A 88 13.46 15.09 20.39
CA VAL A 88 12.97 16.43 20.63
C VAL A 88 11.56 16.45 21.21
N THR A 89 10.90 15.29 21.31
CA THR A 89 9.58 15.18 21.92
C THR A 89 9.60 14.66 23.35
N SER A 90 10.72 14.14 23.83
CA SER A 90 10.81 13.65 25.19
C SER A 90 11.89 14.43 25.95
N ILE A 91 11.44 15.37 26.79
CA ILE A 91 12.30 16.00 27.79
C ILE A 91 13.10 14.92 28.51
N LYS A 92 12.45 13.83 28.92
CA LYS A 92 13.16 12.77 29.64
C LYS A 92 14.41 12.31 28.93
N SER A 93 14.30 12.08 27.62
CA SER A 93 15.42 11.60 26.82
C SER A 93 16.59 12.62 26.79
N PHE A 94 16.27 13.91 26.90
CA PHE A 94 17.27 14.97 26.98
C PHE A 94 17.94 15.01 28.35
N GLU A 95 17.12 14.92 29.40
CA GLU A 95 17.63 14.68 30.74
C GLU A 95 18.61 13.52 30.65
N VAL A 96 18.15 12.39 30.11
CA VAL A 96 18.89 11.13 30.18
C VAL A 96 20.22 11.16 29.46
N ILE A 97 20.21 11.85 28.32
CA ILE A 97 21.42 11.93 27.49
C ILE A 97 22.56 12.71 28.19
N LYS A 98 22.24 13.72 29.01
CA LYS A 98 23.25 14.43 29.81
C LYS A 98 23.90 13.53 30.82
N VAL A 99 23.10 12.63 31.37
CA VAL A 99 23.59 11.67 32.36
C VAL A 99 24.52 10.66 31.65
N ILE A 100 24.01 10.05 30.58
CA ILE A 100 24.78 9.11 29.73
C ILE A 100 26.13 9.72 29.36
N HIS A 101 26.09 10.93 28.83
CA HIS A 101 27.30 11.64 28.47
C HIS A 101 28.30 11.72 29.63
N GLY A 102 27.82 12.04 30.82
CA GLY A 102 28.67 12.10 32.01
C GLY A 102 29.39 10.80 32.33
N LYS A 103 28.64 9.70 32.27
CA LYS A 103 29.18 8.38 32.59
C LYS A 103 30.12 7.89 31.50
N LEU A 104 29.82 8.28 30.25
CA LEU A 104 30.60 7.88 29.09
C LEU A 104 31.92 8.62 29.07
N LEU A 105 31.85 9.92 29.32
CA LEU A 105 33.04 10.74 29.49
C LEU A 105 33.96 10.27 30.63
N ASP A 106 33.39 9.69 31.69
CA ASP A 106 34.17 9.04 32.78
C ASP A 106 34.79 7.70 32.37
N MET A 107 34.00 6.88 31.69
CA MET A 107 34.48 5.59 31.21
C MET A 107 35.61 5.74 30.19
N VAL A 108 35.53 6.79 29.36
CA VAL A 108 36.58 7.10 28.38
C VAL A 108 37.86 7.60 29.06
N GLY A 109 37.72 8.54 29.99
CA GLY A 109 38.88 9.31 30.47
C GLY A 109 39.29 10.33 29.41
N LYS A 110 40.60 10.53 29.23
CA LYS A 110 41.16 11.69 28.49
C LYS A 110 40.92 11.74 26.96
N VAL A 111 40.61 10.60 26.32
CA VAL A 111 40.90 10.45 24.89
C VAL A 111 40.02 11.33 23.98
N GLN A 112 40.60 11.76 22.85
CA GLN A 112 39.85 12.38 21.77
C GLN A 112 39.28 11.30 20.86
N ILE A 113 38.27 10.58 21.36
CA ILE A 113 37.43 9.78 20.48
C ILE A 113 36.08 10.50 20.45
N PRO A 114 35.71 10.99 19.25
CA PRO A 114 34.67 11.99 19.11
C PRO A 114 33.29 11.51 19.56
N ILE A 115 32.53 12.48 20.07
CA ILE A 115 31.18 12.30 20.54
C ILE A 115 30.36 13.41 19.90
N MET A 116 29.23 13.04 19.30
CA MET A 116 28.28 14.02 18.78
C MET A 116 26.89 13.78 19.39
N LEU A 117 26.03 14.76 19.19
CA LEU A 117 24.73 14.79 19.81
C LEU A 117 23.68 15.08 18.75
N VAL A 118 22.59 14.31 18.77
CA VAL A 118 21.56 14.39 17.76
C VAL A 118 20.17 14.55 18.37
N GLY A 119 19.42 15.51 17.84
CA GLY A 119 17.99 15.71 18.17
C GLY A 119 17.15 15.11 17.07
N ASN A 120 16.56 13.95 17.36
CA ASN A 120 15.79 13.16 16.41
C ASN A 120 14.29 13.41 16.59
N LYS A 121 13.52 12.96 15.60
CA LYS A 121 12.08 13.11 15.50
C LYS A 121 11.70 14.53 15.13
N LYS A 122 12.58 15.21 14.39
CA LYS A 122 12.34 16.62 14.02
C LYS A 122 11.09 16.80 13.14
N ASP A 123 10.65 15.73 12.48
CA ASP A 123 9.45 15.79 11.66
C ASP A 123 8.13 16.03 12.41
N LEU A 124 8.13 15.98 13.74
CA LEU A 124 6.88 16.16 14.51
C LEU A 124 6.70 17.60 15.05
N HIS A 125 6.45 18.52 14.12
CA HIS A 125 6.33 19.93 14.44
C HIS A 125 5.39 20.14 15.63
N MET A 126 4.29 19.41 15.68
CA MET A 126 3.33 19.56 16.76
C MET A 126 3.78 18.93 18.07
N GLU A 127 4.56 17.85 18.06
CA GLU A 127 4.94 17.20 19.33
C GLU A 127 6.30 17.69 19.96
N ARG A 128 7.03 18.57 19.25
CA ARG A 128 8.35 19.01 19.72
C ARG A 128 8.30 19.76 21.05
N VAL A 129 9.09 19.30 22.03
CA VAL A 129 9.28 19.99 23.34
C VAL A 129 10.66 20.63 23.46
N ILE A 130 11.70 20.07 22.85
CA ILE A 130 13.06 20.65 22.89
C ILE A 130 13.34 21.50 21.65
N SER A 131 13.86 22.71 21.86
CA SER A 131 14.29 23.61 20.79
C SER A 131 15.63 23.18 20.19
N TYR A 132 15.90 23.60 18.95
CA TYR A 132 17.21 23.39 18.28
C TYR A 132 18.35 23.98 19.13
N GLU A 133 18.06 25.17 19.65
CA GLU A 133 19.00 25.96 20.47
C GLU A 133 19.40 25.18 21.72
N GLU A 134 18.39 24.68 22.41
CA GLU A 134 18.64 23.90 23.62
C GLU A 134 19.70 22.81 23.41
N GLY A 135 19.47 21.87 22.49
CA GLY A 135 20.48 20.83 22.16
C GLY A 135 21.83 21.31 21.60
N LYS A 136 21.79 22.36 20.78
CA LYS A 136 23.02 23.00 20.30
C LYS A 136 23.85 23.43 21.49
N ALA A 137 23.24 24.18 22.42
CA ALA A 137 23.96 24.64 23.62
C ALA A 137 24.60 23.46 24.34
N LEU A 138 23.88 22.36 24.44
CA LEU A 138 24.47 21.20 25.09
C LEU A 138 25.73 20.79 24.33
N ALA A 139 25.61 20.57 23.03
CA ALA A 139 26.73 20.09 22.22
C ALA A 139 27.94 21.00 22.40
N GLU A 140 27.73 22.27 22.07
CA GLU A 140 28.72 23.29 22.32
C GLU A 140 29.31 23.15 23.70
N SER A 141 28.54 23.30 24.76
CA SER A 141 29.05 23.01 26.10
C SER A 141 30.05 21.80 26.15
N TRP A 142 29.82 20.75 25.34
CA TRP A 142 30.76 19.60 25.24
C TRP A 142 31.86 19.71 24.17
N ASN A 143 31.90 20.76 23.37
CA ASN A 143 32.72 20.77 22.16
C ASN A 143 32.35 19.55 21.30
N ALA A 144 31.07 19.41 20.98
CA ALA A 144 30.60 18.31 20.14
C ALA A 144 29.87 18.82 18.91
N ALA A 145 29.73 17.94 17.93
CA ALA A 145 28.85 18.19 16.81
C ALA A 145 27.37 18.13 17.24
N PHE A 146 26.55 18.84 16.47
CA PHE A 146 25.10 18.85 16.70
C PHE A 146 24.36 18.95 15.41
N LEU A 147 23.60 17.91 15.14
CA LEU A 147 22.63 17.88 14.07
C LEU A 147 21.31 17.48 14.69
N GLU A 148 20.21 17.93 14.09
CA GLU A 148 18.91 17.29 14.27
C GLU A 148 18.58 16.38 13.09
N SER A 149 17.71 15.41 13.35
CA SER A 149 17.42 14.34 12.41
C SER A 149 15.94 13.93 12.41
N SER A 150 15.62 13.10 11.42
CA SER A 150 14.36 12.40 11.32
C SER A 150 14.66 11.10 10.65
N ALA A 151 14.21 10.01 11.25
CA ALA A 151 14.34 8.71 10.61
C ALA A 151 13.44 8.53 9.36
N LYS A 152 12.35 9.31 9.28
CA LYS A 152 11.55 9.36 8.05
C LYS A 152 12.38 9.87 6.87
N GLU A 153 13.17 10.91 7.12
CA GLU A 153 13.94 11.58 6.05
C GLU A 153 15.33 10.95 5.93
N ASN A 154 15.62 10.31 4.80
CA ASN A 154 16.91 9.64 4.55
C ASN A 154 18.14 10.56 4.61
N GLN A 155 18.01 11.72 3.99
CA GLN A 155 19.13 12.64 3.83
C GLN A 155 19.64 13.14 5.18
N THR A 156 18.75 13.32 6.15
CA THR A 156 19.17 13.77 7.49
C THR A 156 19.94 12.65 8.18
N ALA A 157 19.52 11.41 7.98
CA ALA A 157 20.25 10.29 8.55
C ALA A 157 21.62 10.17 7.95
N VAL A 158 21.73 10.46 6.66
CA VAL A 158 23.02 10.34 5.96
C VAL A 158 23.99 11.38 6.50
N ASP A 159 23.49 12.59 6.64
CA ASP A 159 24.24 13.64 7.30
C ASP A 159 24.80 13.20 8.66
N VAL A 160 24.02 12.45 9.43
CA VAL A 160 24.41 12.10 10.83
C VAL A 160 25.60 11.14 10.97
N PHE A 161 25.57 10.05 10.23
CA PHE A 161 26.63 9.04 10.26
C PHE A 161 27.82 9.51 9.43
N ARG A 162 27.56 10.34 8.42
CA ARG A 162 28.64 11.00 7.70
C ARG A 162 29.38 11.98 8.62
N ARG A 163 28.63 12.81 9.34
CA ARG A 163 29.23 13.77 10.24
C ARG A 163 30.13 13.13 11.28
N ILE A 164 29.76 12.00 11.81
CA ILE A 164 30.59 11.42 12.87
C ILE A 164 31.97 11.02 12.36
N ILE A 165 32.05 10.66 11.07
CA ILE A 165 33.31 10.27 10.46
C ILE A 165 34.19 11.50 10.31
N LEU A 166 33.57 12.55 9.77
CA LEU A 166 34.18 13.87 9.72
C LEU A 166 34.85 14.23 11.03
N GLU A 167 34.09 14.11 12.11
CA GLU A 167 34.55 14.47 13.42
C GLU A 167 35.73 13.66 13.90
N ALA A 168 35.84 12.41 13.44
CA ALA A 168 37.06 11.62 13.61
C ALA A 168 38.21 12.23 12.78
N GLU A 169 37.91 12.58 11.52
CA GLU A 169 38.94 13.12 10.59
C GLU A 169 39.61 14.42 11.05
N LYS A 170 38.81 15.33 11.61
CA LYS A 170 39.31 16.55 12.33
C LYS A 170 40.55 16.34 13.19
N LEU A 171 40.58 15.21 13.88
CA LEU A 171 41.55 14.91 14.93
C LEU A 171 42.70 14.03 14.42
N GLU A 172 42.53 13.46 13.23
CA GLU A 172 43.57 12.67 12.60
C GLU A 172 44.77 13.54 12.16
N GLN B 4 -17.37 -12.66 49.64
CA GLN B 4 -16.48 -13.59 48.90
C GLN B 4 -15.79 -12.82 47.77
N SER B 5 -14.47 -12.61 47.88
CA SER B 5 -13.70 -11.99 46.80
C SER B 5 -13.14 -13.09 45.90
N LYS B 6 -13.44 -12.99 44.60
CA LYS B 6 -12.89 -13.87 43.59
C LYS B 6 -11.48 -13.41 43.17
N SER B 7 -10.81 -14.23 42.39
CA SER B 7 -9.45 -13.95 41.99
C SER B 7 -9.22 -14.32 40.54
N ARG B 8 -9.05 -13.30 39.71
CA ARG B 8 -8.89 -13.48 38.28
C ARG B 8 -7.55 -12.93 37.85
N LYS B 9 -7.12 -13.37 36.68
CA LYS B 9 -5.81 -13.04 36.11
C LYS B 9 -6.01 -12.83 34.60
N ILE B 10 -5.52 -11.69 34.10
CA ILE B 10 -5.76 -11.24 32.72
C ILE B 10 -4.44 -10.99 32.05
N ALA B 11 -4.33 -11.41 30.79
CA ALA B 11 -3.12 -11.17 29.97
C ALA B 11 -3.41 -10.18 28.85
N ILE B 12 -2.52 -9.19 28.68
CA ILE B 12 -2.69 -8.15 27.64
C ILE B 12 -1.60 -8.29 26.58
N LEU B 13 -2.04 -8.41 25.32
CA LEU B 13 -1.21 -8.80 24.18
C LEU B 13 -1.37 -7.82 23.03
N GLY B 14 -0.31 -7.64 22.24
CA GLY B 14 -0.39 -6.79 21.06
C GLY B 14 0.94 -6.49 20.42
N TYR B 15 0.91 -5.73 19.33
CA TYR B 15 2.10 -5.23 18.66
C TYR B 15 2.81 -4.21 19.55
N ARG B 16 4.07 -3.92 19.26
CA ARG B 16 4.80 -2.95 20.07
C ARG B 16 4.19 -1.57 19.94
N SER B 17 4.25 -0.85 21.05
CA SER B 17 3.89 0.53 21.14
C SER B 17 2.42 0.82 21.01
N VAL B 18 1.55 -0.18 21.15
CA VAL B 18 0.12 0.10 21.03
C VAL B 18 -0.48 0.72 22.30
N GLY B 19 0.28 0.68 23.40
CA GLY B 19 -0.18 1.20 24.70
C GLY B 19 -0.68 0.12 25.65
N LYS B 20 -0.14 -1.10 25.53
CA LYS B 20 -0.49 -2.13 26.48
C LYS B 20 -0.23 -1.53 27.87
N SER B 21 0.99 -1.02 28.05
CA SER B 21 1.40 -0.51 29.34
C SER B 21 0.63 0.74 29.76
N SER B 22 0.46 1.67 28.83
CA SER B 22 -0.21 2.94 29.15
C SER B 22 -1.64 2.65 29.58
N LEU B 23 -2.35 1.83 28.80
CA LEU B 23 -3.67 1.39 29.19
C LEU B 23 -3.69 0.78 30.59
N THR B 24 -2.82 -0.20 30.81
CA THR B 24 -2.86 -0.94 32.05
C THR B 24 -2.51 0.00 33.21
N ILE B 25 -1.48 0.84 33.03
CA ILE B 25 -1.04 1.75 34.09
C ILE B 25 -2.12 2.79 34.37
N GLN B 26 -2.65 3.43 33.32
CA GLN B 26 -3.85 4.30 33.45
C GLN B 26 -4.93 3.69 34.36
N PHE B 27 -5.21 2.40 34.14
CA PHE B 27 -6.14 1.66 34.99
C PHE B 27 -5.66 1.48 36.44
N VAL B 28 -4.43 1.00 36.62
CA VAL B 28 -3.91 0.65 37.97
C VAL B 28 -3.42 1.86 38.85
N GLU B 29 -2.87 2.90 38.19
CA GLU B 29 -2.32 4.10 38.85
C GLU B 29 -3.13 5.37 38.72
N GLY B 30 -3.86 5.50 37.62
CA GLY B 30 -4.65 6.70 37.36
C GLY B 30 -3.91 7.81 36.62
N GLN B 31 -2.72 7.56 36.08
CA GLN B 31 -2.05 8.52 35.15
C GLN B 31 -1.56 7.88 33.86
N PHE B 32 -1.48 8.72 32.82
CA PHE B 32 -0.86 8.40 31.56
C PHE B 32 0.63 8.61 31.80
N VAL B 33 1.47 7.65 31.42
CA VAL B 33 2.85 7.60 31.94
C VAL B 33 3.73 8.67 31.33
N ASP B 34 3.86 8.62 30.00
CA ASP B 34 4.90 9.27 29.13
C ASP B 34 5.73 8.16 28.41
N SER B 35 6.20 7.16 29.16
CA SER B 35 6.92 6.02 28.62
C SER B 35 7.04 4.91 29.65
N TYR B 36 6.85 3.65 29.22
CA TYR B 36 7.25 2.49 30.02
C TYR B 36 8.26 1.62 29.25
N ASP B 37 9.21 1.03 29.97
CA ASP B 37 10.15 0.05 29.41
C ASP B 37 9.39 -0.94 28.50
N PRO B 38 9.63 -0.88 27.19
CA PRO B 38 8.88 -1.77 26.30
C PRO B 38 9.36 -3.22 26.30
N THR B 39 10.28 -3.55 27.20
CA THR B 39 10.99 -4.83 27.20
C THR B 39 10.25 -5.99 27.88
N ILE B 40 10.06 -5.88 29.19
CA ILE B 40 9.81 -7.03 30.07
C ILE B 40 8.33 -7.22 30.38
N GLU B 41 7.97 -8.43 30.75
CA GLU B 41 6.70 -8.71 31.38
C GLU B 41 6.67 -8.13 32.79
N ASN B 42 5.70 -7.26 33.01
CA ASN B 42 5.42 -6.68 34.29
C ASN B 42 3.98 -7.08 34.60
N THR B 43 3.82 -7.58 35.81
CA THR B 43 2.55 -7.99 36.32
C THR B 43 2.09 -6.83 37.21
N PHE B 44 0.79 -6.65 37.27
CA PHE B 44 0.18 -5.64 38.11
C PHE B 44 -0.97 -6.29 38.86
N THR B 45 -1.32 -5.71 40.01
CA THR B 45 -2.54 -6.08 40.72
C THR B 45 -3.47 -4.89 40.75
N LYS B 46 -4.77 -5.16 40.85
CA LYS B 46 -5.72 -4.14 41.19
C LYS B 46 -6.90 -4.79 41.93
N LEU B 47 -7.55 -4.03 42.81
CA LEU B 47 -8.90 -4.39 43.31
C LEU B 47 -10.01 -3.69 42.49
N ILE B 48 -11.04 -4.46 42.14
CA ILE B 48 -12.20 -3.94 41.43
C ILE B 48 -13.46 -4.70 41.86
N THR B 49 -14.61 -4.00 41.78
CA THR B 49 -15.95 -4.52 42.04
C THR B 49 -16.82 -4.36 40.79
N VAL B 50 -17.32 -5.47 40.25
CA VAL B 50 -18.14 -5.51 39.04
C VAL B 50 -19.45 -6.26 39.32
N ASN B 51 -20.61 -5.61 39.13
CA ASN B 51 -21.95 -6.20 39.44
C ASN B 51 -22.10 -6.71 40.89
N GLY B 52 -21.54 -5.95 41.84
CA GLY B 52 -21.50 -6.34 43.24
C GLY B 52 -20.38 -7.30 43.62
N GLN B 53 -19.73 -7.93 42.64
CA GLN B 53 -18.75 -9.00 42.88
C GLN B 53 -17.31 -8.47 42.97
N GLU B 54 -16.65 -8.59 44.12
CA GLU B 54 -15.27 -8.10 44.27
C GLU B 54 -14.32 -9.11 43.60
N TYR B 55 -13.19 -8.63 43.08
CA TYR B 55 -12.20 -9.49 42.43
C TYR B 55 -10.78 -9.01 42.76
N HIS B 56 -9.85 -9.95 42.94
CA HIS B 56 -8.43 -9.59 42.99
C HIS B 56 -7.86 -9.83 41.62
N LEU B 57 -7.36 -8.78 40.99
CA LEU B 57 -6.76 -8.97 39.68
C LEU B 57 -5.24 -9.14 39.71
N GLN B 58 -4.77 -10.04 38.84
CA GLN B 58 -3.39 -10.13 38.39
C GLN B 58 -3.40 -9.75 36.91
N LEU B 59 -2.85 -8.59 36.59
CA LEU B 59 -2.82 -8.09 35.23
C LEU B 59 -1.46 -8.34 34.62
N VAL B 60 -1.44 -8.84 33.37
CA VAL B 60 -0.21 -9.29 32.72
C VAL B 60 0.10 -8.48 31.45
N ASP B 61 1.01 -7.52 31.62
CA ASP B 61 1.39 -6.59 30.57
C ASP B 61 2.58 -7.18 29.81
N THR B 62 2.28 -7.96 28.78
CA THR B 62 3.30 -8.68 28.05
C THR B 62 4.20 -7.73 27.31
N ALA B 63 5.33 -8.25 26.86
CA ALA B 63 6.34 -7.49 26.11
C ALA B 63 5.80 -6.77 24.86
N GLY B 64 5.36 -7.58 23.89
CA GLY B 64 4.94 -7.09 22.60
C GLY B 64 5.35 -8.13 21.57
N GLN B 65 4.35 -8.73 20.96
CA GLN B 65 4.53 -9.82 20.01
C GLN B 65 4.59 -9.21 18.60
N ASP B 66 5.01 -10.04 17.65
CA ASP B 66 4.89 -9.72 16.21
C ASP B 66 4.44 -10.97 15.44
N GLU B 67 4.63 -10.98 14.14
CA GLU B 67 4.14 -12.09 13.31
C GLU B 67 5.04 -13.33 13.48
N TYR B 68 6.31 -13.11 13.83
CA TYR B 68 7.32 -14.18 14.01
C TYR B 68 7.56 -14.51 15.49
N SER B 69 6.51 -14.45 16.31
CA SER B 69 6.63 -14.73 17.74
C SER B 69 6.10 -16.14 18.03
N ILE B 70 6.65 -16.73 19.09
CA ILE B 70 6.48 -18.12 19.45
C ILE B 70 5.81 -18.17 20.81
N PHE B 71 4.54 -18.54 20.83
CA PHE B 71 3.89 -18.89 22.08
C PHE B 71 4.44 -20.24 22.48
N PRO B 72 4.78 -20.44 23.77
CA PRO B 72 5.04 -21.82 24.20
C PRO B 72 3.81 -22.72 23.95
N GLN B 73 3.99 -23.97 23.51
CA GLN B 73 2.84 -24.89 23.24
C GLN B 73 2.09 -25.33 24.52
N THR B 74 2.36 -24.66 25.64
CA THR B 74 1.93 -25.06 26.97
C THR B 74 1.61 -23.79 27.77
N TYR B 75 2.61 -23.25 28.46
CA TYR B 75 2.50 -22.03 29.25
C TYR B 75 1.21 -21.86 30.12
N SER B 76 0.14 -21.33 29.52
CA SER B 76 -0.92 -20.52 30.20
C SER B 76 -1.30 -20.88 31.66
N ILE B 77 -1.54 -22.16 31.92
CA ILE B 77 -1.91 -22.74 33.25
C ILE B 77 -3.11 -22.12 34.04
N ASP B 78 -3.37 -20.83 33.88
CA ASP B 78 -4.50 -20.15 34.53
C ASP B 78 -5.18 -19.23 33.51
N ILE B 79 -4.57 -18.06 33.26
CA ILE B 79 -5.14 -16.91 32.51
C ILE B 79 -6.66 -16.98 32.28
N ASN B 80 -7.38 -16.20 33.06
CA ASN B 80 -8.83 -16.20 33.03
C ASN B 80 -9.41 -15.29 31.95
N GLY B 81 -8.55 -14.54 31.27
CA GLY B 81 -8.96 -13.72 30.13
C GLY B 81 -7.83 -13.07 29.33
N TYR B 82 -8.11 -12.79 28.07
CA TYR B 82 -7.14 -12.20 27.17
C TYR B 82 -7.69 -10.91 26.57
N ILE B 83 -6.84 -9.88 26.58
CA ILE B 83 -7.17 -8.57 26.04
C ILE B 83 -6.16 -8.30 24.94
N LEU B 84 -6.66 -8.13 23.71
CA LEU B 84 -5.80 -7.96 22.53
C LEU B 84 -5.89 -6.54 22.05
N VAL B 85 -4.77 -5.81 22.13
CA VAL B 85 -4.75 -4.38 21.79
C VAL B 85 -4.09 -4.15 20.44
N TYR B 86 -4.71 -3.31 19.60
CA TYR B 86 -4.03 -2.70 18.43
C TYR B 86 -4.24 -1.19 18.54
N SER B 87 -3.39 -0.40 17.87
CA SER B 87 -3.56 1.05 17.87
C SER B 87 -4.36 1.38 16.65
N VAL B 88 -5.27 2.35 16.77
CA VAL B 88 -6.00 2.87 15.61
C VAL B 88 -5.17 3.85 14.76
N THR B 89 -3.87 4.03 15.07
CA THR B 89 -2.91 4.78 14.23
C THR B 89 -1.93 3.91 13.43
N SER B 90 -1.79 2.63 13.81
CA SER B 90 -0.92 1.67 13.14
C SER B 90 -1.73 0.55 12.49
N ILE B 91 -1.85 0.57 11.17
CA ILE B 91 -2.46 -0.55 10.42
C ILE B 91 -1.67 -1.82 10.60
N LYS B 92 -0.36 -1.70 10.71
CA LYS B 92 0.46 -2.89 11.03
C LYS B 92 -0.02 -3.59 12.28
N SER B 93 -0.27 -2.82 13.35
CA SER B 93 -0.78 -3.35 14.63
C SER B 93 -2.11 -4.12 14.48
N PHE B 94 -2.96 -3.70 13.54
CA PHE B 94 -4.20 -4.41 13.23
C PHE B 94 -3.93 -5.71 12.47
N GLU B 95 -3.07 -5.65 11.43
CA GLU B 95 -2.52 -6.84 10.75
C GLU B 95 -1.96 -7.89 11.73
N VAL B 96 -1.24 -7.43 12.75
CA VAL B 96 -0.51 -8.33 13.64
C VAL B 96 -1.46 -8.98 14.63
N ILE B 97 -2.39 -8.21 15.20
CA ILE B 97 -3.31 -8.73 16.23
C ILE B 97 -4.15 -9.92 15.70
N LYS B 98 -4.43 -9.91 14.39
CA LYS B 98 -4.98 -11.07 13.65
C LYS B 98 -4.11 -12.32 13.81
N VAL B 99 -2.85 -12.24 13.41
CA VAL B 99 -1.94 -13.38 13.55
C VAL B 99 -1.92 -13.82 15.01
N ILE B 100 -1.81 -12.84 15.92
CA ILE B 100 -1.81 -13.09 17.38
C ILE B 100 -3.06 -13.86 17.82
N HIS B 101 -4.22 -13.48 17.28
CA HIS B 101 -5.45 -14.19 17.62
C HIS B 101 -5.43 -15.65 17.19
N GLY B 102 -5.05 -15.89 15.92
CA GLY B 102 -4.97 -17.23 15.33
C GLY B 102 -4.05 -18.17 16.10
N LYS B 103 -2.87 -17.67 16.45
CA LYS B 103 -1.89 -18.42 17.23
C LYS B 103 -2.38 -18.75 18.63
N LEU B 104 -3.00 -17.77 19.28
CA LEU B 104 -3.54 -17.94 20.64
C LEU B 104 -4.63 -18.99 20.70
N LEU B 105 -5.54 -18.96 19.74
CA LEU B 105 -6.66 -19.89 19.73
C LEU B 105 -6.17 -21.33 19.57
N ASP B 106 -5.09 -21.50 18.81
CA ASP B 106 -4.36 -22.76 18.77
C ASP B 106 -3.75 -23.12 20.12
N MET B 107 -3.08 -22.17 20.77
CA MET B 107 -2.40 -22.43 22.06
C MET B 107 -3.34 -22.79 23.23
N VAL B 108 -4.64 -22.49 23.11
CA VAL B 108 -5.63 -22.89 24.14
C VAL B 108 -6.50 -24.09 23.75
N GLY B 109 -6.64 -24.34 22.45
CA GLY B 109 -7.56 -25.36 21.93
C GLY B 109 -9.00 -24.89 22.06
N LYS B 110 -9.92 -25.84 22.14
CA LYS B 110 -11.37 -25.55 22.23
C LYS B 110 -11.88 -24.98 23.58
N VAL B 111 -10.96 -24.75 24.53
CA VAL B 111 -11.28 -24.02 25.76
C VAL B 111 -11.68 -22.58 25.45
N GLN B 112 -12.96 -22.28 25.71
CA GLN B 112 -13.48 -20.92 25.72
C GLN B 112 -13.26 -20.23 27.08
N ILE B 113 -12.15 -19.51 27.15
CA ILE B 113 -12.01 -18.32 28.02
C ILE B 113 -12.17 -17.11 27.10
N PRO B 114 -12.59 -15.97 27.67
CA PRO B 114 -12.97 -14.88 26.81
C PRO B 114 -11.77 -14.06 26.32
N ILE B 115 -11.87 -13.63 25.06
CA ILE B 115 -10.87 -12.79 24.43
C ILE B 115 -11.58 -11.51 23.92
N MET B 116 -11.11 -10.33 24.33
CA MET B 116 -11.62 -9.06 23.78
C MET B 116 -10.58 -8.27 22.99
N LEU B 117 -11.10 -7.44 22.09
CA LEU B 117 -10.31 -6.68 21.17
C LEU B 117 -10.49 -5.28 21.57
N VAL B 118 -9.37 -4.54 21.70
CA VAL B 118 -9.38 -3.12 22.00
C VAL B 118 -8.53 -2.38 20.98
N GLY B 119 -9.10 -1.29 20.44
CA GLY B 119 -8.41 -0.38 19.51
C GLY B 119 -7.97 0.88 20.26
N ASN B 120 -6.74 0.85 20.77
CA ASN B 120 -6.22 1.95 21.58
C ASN B 120 -5.88 3.19 20.78
N LYS B 121 -5.65 4.29 21.49
CA LYS B 121 -5.25 5.58 20.93
C LYS B 121 -6.35 6.35 20.18
N LYS B 122 -7.63 6.14 20.48
CA LYS B 122 -8.70 6.93 19.85
C LYS B 122 -8.62 8.46 20.00
N ASP B 123 -7.90 8.94 21.03
CA ASP B 123 -7.72 10.39 21.25
C ASP B 123 -6.88 11.08 20.20
N LEU B 124 -6.03 10.33 19.49
CA LEU B 124 -5.27 10.85 18.36
C LEU B 124 -6.14 10.98 17.11
N HIS B 125 -7.03 11.96 17.13
CA HIS B 125 -7.94 12.23 16.04
C HIS B 125 -7.24 12.36 14.68
N MET B 126 -6.20 13.19 14.66
CA MET B 126 -5.43 13.50 13.46
C MET B 126 -4.67 12.31 12.86
N GLU B 127 -4.39 11.28 13.67
CA GLU B 127 -3.64 10.08 13.20
C GLU B 127 -4.44 8.77 12.97
N ARG B 128 -5.77 8.80 13.16
CA ARG B 128 -6.64 7.61 13.01
C ARG B 128 -6.52 7.01 11.62
N VAL B 129 -6.30 5.70 11.54
CA VAL B 129 -6.39 4.98 10.26
C VAL B 129 -7.35 3.75 10.25
N ILE B 130 -8.01 3.46 11.37
CA ILE B 130 -8.92 2.33 11.45
C ILE B 130 -10.26 2.78 12.02
N SER B 131 -11.33 2.55 11.26
CA SER B 131 -12.67 2.87 11.73
C SER B 131 -13.09 1.87 12.80
N TYR B 132 -13.91 2.36 13.73
CA TYR B 132 -14.55 1.53 14.74
C TYR B 132 -15.04 0.27 14.02
N GLU B 133 -15.81 0.50 12.96
CA GLU B 133 -16.51 -0.56 12.23
C GLU B 133 -15.57 -1.72 11.83
N GLU B 134 -14.33 -1.40 11.46
CA GLU B 134 -13.36 -2.43 11.10
C GLU B 134 -12.97 -3.25 12.32
N GLY B 135 -12.82 -2.54 13.43
CA GLY B 135 -12.53 -3.15 14.70
C GLY B 135 -13.71 -3.93 15.21
N LYS B 136 -14.92 -3.41 14.96
CA LYS B 136 -16.14 -4.06 15.38
C LYS B 136 -16.35 -5.33 14.60
N ALA B 137 -16.19 -5.28 13.27
CA ALA B 137 -16.41 -6.47 12.46
C ALA B 137 -15.38 -7.54 12.74
N LEU B 138 -14.15 -7.14 13.08
CA LEU B 138 -13.13 -8.13 13.45
C LEU B 138 -13.50 -8.91 14.71
N ALA B 139 -14.16 -8.21 15.63
CA ALA B 139 -14.59 -8.80 16.90
C ALA B 139 -15.74 -9.77 16.71
N GLU B 140 -16.73 -9.37 15.91
CA GLU B 140 -17.91 -10.24 15.64
C GLU B 140 -17.50 -11.49 14.86
N SER B 141 -16.39 -11.42 14.11
CA SER B 141 -15.82 -12.61 13.44
C SER B 141 -14.99 -13.54 14.36
N TRP B 142 -14.91 -13.23 15.65
CA TRP B 142 -14.24 -14.07 16.65
C TRP B 142 -15.18 -14.39 17.81
N ASN B 143 -16.45 -13.99 17.72
CA ASN B 143 -17.38 -13.92 18.86
C ASN B 143 -16.78 -13.28 20.12
N ALA B 144 -16.34 -12.04 19.95
CA ALA B 144 -15.57 -11.31 20.98
C ALA B 144 -16.13 -9.92 21.25
N ALA B 145 -15.83 -9.39 22.43
CA ALA B 145 -16.22 -8.05 22.80
C ALA B 145 -15.26 -7.05 22.16
N PHE B 146 -15.82 -5.90 21.74
CA PHE B 146 -15.04 -4.79 21.17
C PHE B 146 -15.27 -3.44 21.84
N LEU B 147 -14.15 -2.78 22.12
CA LEU B 147 -14.13 -1.43 22.64
C LEU B 147 -12.99 -0.69 21.97
N GLU B 148 -13.05 0.63 22.01
CA GLU B 148 -11.89 1.48 21.74
C GLU B 148 -11.46 2.17 23.04
N SER B 149 -10.21 2.59 23.09
CA SER B 149 -9.67 3.12 24.33
C SER B 149 -8.64 4.18 24.05
N SER B 150 -8.44 5.08 25.01
CA SER B 150 -7.25 5.87 25.07
C SER B 150 -6.68 5.73 26.45
N ALA B 151 -5.37 5.50 26.52
CA ALA B 151 -4.63 5.52 27.83
C ALA B 151 -4.64 6.88 28.53
N LYS B 152 -5.12 7.90 27.84
CA LYS B 152 -5.22 9.23 28.40
C LYS B 152 -6.43 9.35 29.29
N GLU B 153 -7.50 8.62 28.96
CA GLU B 153 -8.85 8.86 29.48
C GLU B 153 -9.25 7.71 30.39
N ASN B 154 -9.31 8.00 31.68
CA ASN B 154 -9.40 6.98 32.72
C ASN B 154 -10.59 6.04 32.59
N GLN B 155 -11.76 6.63 32.29
CA GLN B 155 -13.02 5.92 32.13
C GLN B 155 -12.95 4.84 31.04
N THR B 156 -12.11 5.02 30.03
CA THR B 156 -12.12 4.03 28.95
C THR B 156 -11.20 2.88 29.29
N ALA B 157 -10.04 3.17 29.87
CA ALA B 157 -9.17 2.12 30.37
C ALA B 157 -9.90 1.27 31.39
N VAL B 158 -10.63 1.92 32.32
CA VAL B 158 -11.44 1.22 33.35
C VAL B 158 -12.48 0.31 32.74
N ASP B 159 -13.25 0.84 31.80
CA ASP B 159 -14.24 0.03 31.12
C ASP B 159 -13.64 -1.22 30.44
N VAL B 160 -12.39 -1.10 29.94
CA VAL B 160 -11.73 -2.21 29.26
C VAL B 160 -11.51 -3.40 30.20
N PHE B 161 -11.14 -3.11 31.45
CA PHE B 161 -10.94 -4.16 32.44
C PHE B 161 -12.27 -4.62 33.02
N ARG B 162 -13.20 -3.70 33.27
CA ARG B 162 -14.54 -4.15 33.68
C ARG B 162 -15.08 -5.14 32.69
N ARG B 163 -15.01 -4.78 31.40
CA ARG B 163 -15.60 -5.56 30.34
C ARG B 163 -15.01 -6.97 30.27
N ILE B 164 -13.70 -7.12 30.42
CA ILE B 164 -13.13 -8.47 30.34
C ILE B 164 -13.69 -9.39 31.43
N ILE B 165 -13.90 -8.83 32.60
CA ILE B 165 -14.46 -9.59 33.70
C ILE B 165 -15.91 -9.96 33.40
N LEU B 166 -16.75 -8.97 33.03
CA LEU B 166 -18.15 -9.17 32.64
C LEU B 166 -18.33 -10.26 31.63
N GLU B 167 -17.36 -10.35 30.74
CA GLU B 167 -17.32 -11.41 29.75
C GLU B 167 -16.95 -12.73 30.37
N ALA B 168 -15.97 -12.73 31.28
CA ALA B 168 -15.61 -13.93 32.04
C ALA B 168 -16.82 -14.49 32.84
N GLU B 169 -17.42 -13.64 33.66
CA GLU B 169 -18.70 -13.94 34.34
C GLU B 169 -19.78 -14.60 33.41
N LYS B 170 -19.76 -14.31 32.11
CA LYS B 170 -20.69 -14.97 31.21
C LYS B 170 -20.33 -16.43 30.84
N LEU B 171 -19.29 -17.00 31.46
CA LEU B 171 -18.95 -18.40 31.24
C LEU B 171 -18.67 -19.05 32.59
N GLN C 4 -27.09 14.00 11.64
CA GLN C 4 -27.85 13.06 10.77
C GLN C 4 -26.91 12.28 9.82
N SER C 5 -26.33 12.97 8.85
CA SER C 5 -25.68 12.37 7.65
C SER C 5 -25.11 13.44 6.70
N LYS C 6 -23.94 13.14 6.14
CA LYS C 6 -23.20 14.05 5.29
C LYS C 6 -23.12 13.50 3.87
N SER C 7 -22.44 14.22 3.00
CA SER C 7 -22.14 13.78 1.64
C SER C 7 -20.69 14.14 1.29
N ARG C 8 -19.99 13.18 0.68
CA ARG C 8 -18.66 13.37 0.18
C ARG C 8 -18.62 12.97 -1.27
N LYS C 9 -17.67 13.56 -1.97
CA LYS C 9 -17.57 13.46 -3.39
C LYS C 9 -16.10 13.18 -3.68
N ILE C 10 -15.85 12.06 -4.35
CA ILE C 10 -14.53 11.48 -4.44
C ILE C 10 -14.15 11.33 -5.90
N ALA C 11 -12.94 11.75 -6.24
CA ALA C 11 -12.45 11.56 -7.60
C ALA C 11 -11.52 10.35 -7.67
N ILE C 12 -11.76 9.48 -8.64
CA ILE C 12 -10.79 8.42 -8.96
C ILE C 12 -10.10 8.83 -10.26
N LEU C 13 -8.78 8.88 -10.16
CA LEU C 13 -7.89 9.35 -11.22
C LEU C 13 -6.86 8.27 -11.51
N GLY C 14 -6.30 8.34 -12.72
CA GLY C 14 -5.17 7.54 -13.09
C GLY C 14 -5.18 7.07 -14.50
N TYR C 15 -4.04 6.53 -14.92
CA TYR C 15 -3.81 5.99 -16.27
C TYR C 15 -4.85 4.94 -16.61
N ARG C 16 -5.09 4.73 -17.91
CA ARG C 16 -6.06 3.73 -18.37
C ARG C 16 -5.66 2.31 -18.05
N SER C 17 -6.67 1.48 -17.84
CA SER C 17 -6.50 0.04 -17.61
C SER C 17 -5.92 -0.34 -16.24
N VAL C 18 -5.91 0.59 -15.29
CA VAL C 18 -5.44 0.33 -13.91
C VAL C 18 -6.54 -0.09 -12.91
N GLY C 19 -7.78 -0.20 -13.38
CA GLY C 19 -8.85 -0.78 -12.56
C GLY C 19 -9.70 0.22 -11.81
N LYS C 20 -9.52 1.50 -12.14
CA LYS C 20 -10.41 2.56 -11.67
C LYS C 20 -11.88 2.11 -11.62
N SER C 21 -12.41 1.72 -12.77
CA SER C 21 -13.79 1.25 -12.87
C SER C 21 -14.02 0.00 -12.06
N SER C 22 -13.14 -1.01 -12.21
CA SER C 22 -13.27 -2.30 -11.52
C SER C 22 -13.33 -2.19 -9.99
N LEU C 23 -12.40 -1.42 -9.41
CA LEU C 23 -12.38 -1.09 -7.98
C LEU C 23 -13.67 -0.41 -7.50
N THR C 24 -14.01 0.67 -8.16
CA THR C 24 -15.21 1.43 -7.80
C THR C 24 -16.49 0.59 -7.87
N ILE C 25 -16.55 -0.34 -8.83
CA ILE C 25 -17.74 -1.15 -9.08
C ILE C 25 -17.72 -2.33 -8.09
N GLN C 26 -16.53 -2.85 -7.79
CA GLN C 26 -16.41 -3.93 -6.79
C GLN C 26 -17.00 -3.43 -5.48
N PHE C 27 -16.52 -2.26 -5.07
CA PHE C 27 -16.99 -1.56 -3.89
C PHE C 27 -18.48 -1.31 -3.91
N VAL C 28 -19.00 -0.62 -4.92
CA VAL C 28 -20.41 -0.22 -4.92
C VAL C 28 -21.36 -1.40 -5.07
N GLU C 29 -20.93 -2.42 -5.78
CA GLU C 29 -21.86 -3.44 -6.28
C GLU C 29 -21.60 -4.86 -5.83
N GLY C 30 -20.37 -5.15 -5.42
CA GLY C 30 -19.94 -6.54 -5.17
C GLY C 30 -19.87 -7.40 -6.43
N GLN C 31 -19.54 -6.80 -7.59
CA GLN C 31 -19.16 -7.55 -8.79
C GLN C 31 -17.80 -7.05 -9.30
N PHE C 32 -16.93 -8.02 -9.61
CA PHE C 32 -15.81 -7.84 -10.50
C PHE C 32 -16.34 -7.99 -11.94
N VAL C 33 -15.94 -7.08 -12.81
CA VAL C 33 -16.42 -7.03 -14.19
C VAL C 33 -15.20 -7.16 -15.13
N ASP C 34 -15.31 -7.98 -16.18
CA ASP C 34 -14.11 -8.29 -17.04
C ASP C 34 -13.79 -7.17 -18.03
N SER C 35 -14.79 -6.32 -18.31
CA SER C 35 -14.55 -5.06 -19.00
C SER C 35 -15.67 -4.03 -18.77
N TYR C 36 -15.23 -2.78 -18.56
CA TYR C 36 -16.09 -1.61 -18.50
C TYR C 36 -15.58 -0.53 -19.51
N ASP C 37 -16.52 0.04 -20.27
CA ASP C 37 -16.23 1.06 -21.30
C ASP C 37 -15.34 2.17 -20.74
N PRO C 38 -14.08 2.21 -21.21
CA PRO C 38 -13.15 3.23 -20.72
C PRO C 38 -13.32 4.64 -21.29
N THR C 39 -14.23 4.83 -22.25
CA THR C 39 -14.47 6.18 -22.77
C THR C 39 -15.10 7.10 -21.73
N ILE C 40 -16.20 6.67 -21.10
CA ILE C 40 -17.16 7.60 -20.45
C ILE C 40 -16.92 7.77 -18.94
N GLU C 41 -16.66 9.00 -18.50
CA GLU C 41 -16.71 9.34 -17.09
C GLU C 41 -18.11 9.00 -16.52
N ASN C 42 -18.10 8.43 -15.31
CA ASN C 42 -19.31 8.02 -14.63
C ASN C 42 -19.22 8.23 -13.14
N THR C 43 -20.39 8.36 -12.53
CA THR C 43 -20.53 8.53 -11.11
C THR C 43 -21.40 7.48 -10.51
N PHE C 44 -20.94 6.98 -9.37
CA PHE C 44 -21.68 6.02 -8.61
C PHE C 44 -21.99 6.59 -7.21
N THR C 45 -23.14 6.21 -6.68
CA THR C 45 -23.52 6.51 -5.30
C THR C 45 -23.41 5.25 -4.48
N LYS C 46 -23.14 5.42 -3.19
CA LYS C 46 -22.95 4.33 -2.26
C LYS C 46 -22.98 4.91 -0.85
N LEU C 47 -23.75 4.29 0.05
CA LEU C 47 -23.68 4.64 1.46
C LEU C 47 -22.52 3.90 2.16
N ILE C 48 -22.01 4.51 3.22
CA ILE C 48 -21.12 3.84 4.16
C ILE C 48 -21.19 4.57 5.49
N THR C 49 -20.93 3.82 6.55
CA THR C 49 -20.80 4.33 7.90
C THR C 49 -19.37 4.21 8.41
N VAL C 50 -18.85 5.34 8.87
CA VAL C 50 -17.49 5.43 9.30
C VAL C 50 -17.47 6.19 10.62
N ASN C 51 -17.01 5.51 11.69
CA ASN C 51 -17.05 6.00 13.07
C ASN C 51 -18.41 6.52 13.50
N GLY C 52 -19.38 5.62 13.49
CA GLY C 52 -20.78 5.96 13.74
C GLY C 52 -21.49 6.82 12.71
N GLN C 53 -20.78 7.33 11.70
CA GLN C 53 -21.21 8.46 10.86
C GLN C 53 -21.63 7.95 9.47
N GLU C 54 -22.87 8.25 9.03
CA GLU C 54 -23.40 7.76 7.75
C GLU C 54 -23.06 8.75 6.67
N TYR C 55 -22.57 8.27 5.54
CA TYR C 55 -22.10 9.12 4.46
C TYR C 55 -22.75 8.71 3.13
N HIS C 56 -23.33 9.69 2.44
CA HIS C 56 -23.73 9.56 1.03
C HIS C 56 -22.54 9.91 0.15
N LEU C 57 -21.88 8.88 -0.40
CA LEU C 57 -20.75 9.04 -1.29
C LEU C 57 -21.22 9.19 -2.72
N GLN C 58 -20.56 10.07 -3.46
CA GLN C 58 -20.60 10.08 -4.92
C GLN C 58 -19.20 9.91 -5.48
N LEU C 59 -19.00 8.85 -6.26
CA LEU C 59 -17.69 8.43 -6.70
C LEU C 59 -17.54 8.72 -8.17
N VAL C 60 -16.63 9.65 -8.51
CA VAL C 60 -16.39 10.02 -9.92
C VAL C 60 -15.25 9.18 -10.49
N ASP C 61 -15.66 8.14 -11.24
CA ASP C 61 -14.76 7.27 -12.04
C ASP C 61 -14.53 8.01 -13.34
N THR C 62 -13.41 8.71 -13.40
CA THR C 62 -13.07 9.54 -14.55
C THR C 62 -12.48 8.69 -15.62
N ALA C 63 -12.61 9.08 -16.89
CA ALA C 63 -12.20 8.21 -18.01
C ALA C 63 -10.75 7.73 -17.83
N GLY C 64 -9.83 8.67 -17.67
CA GLY C 64 -8.42 8.36 -17.45
C GLY C 64 -7.62 9.54 -17.92
N GLN C 65 -6.36 9.59 -17.52
CA GLN C 65 -5.46 10.70 -17.88
C GLN C 65 -4.14 10.08 -18.32
N ASP C 66 -3.26 10.86 -18.95
CA ASP C 66 -1.87 10.48 -19.19
C ASP C 66 -1.01 11.73 -19.05
N GLU C 67 0.26 11.67 -19.48
CA GLU C 67 1.23 12.79 -19.25
C GLU C 67 0.87 14.04 -20.05
N TYR C 68 0.08 13.85 -21.10
CA TYR C 68 -0.31 14.88 -22.05
C TYR C 68 -1.72 15.42 -21.76
N SER C 69 -2.34 14.97 -20.66
CA SER C 69 -3.69 15.40 -20.32
C SER C 69 -3.58 16.77 -19.68
N ILE C 70 -4.49 17.67 -20.08
CA ILE C 70 -4.43 19.05 -19.64
C ILE C 70 -5.52 19.25 -18.61
N PHE C 71 -5.11 19.50 -17.38
CA PHE C 71 -6.05 19.65 -16.27
C PHE C 71 -6.60 21.08 -16.30
N PRO C 72 -7.87 21.25 -15.93
CA PRO C 72 -8.42 22.61 -15.94
C PRO C 72 -7.69 23.60 -15.02
N GLN C 73 -7.87 24.90 -15.28
CA GLN C 73 -7.35 25.98 -14.41
C GLN C 73 -8.41 26.69 -13.54
N THR C 74 -9.70 26.41 -13.75
CA THR C 74 -10.73 26.90 -12.84
C THR C 74 -11.21 25.72 -11.98
N TYR C 75 -12.42 25.18 -12.20
CA TYR C 75 -12.89 23.93 -11.54
C TYR C 75 -12.84 24.02 -9.98
N SER C 76 -12.82 22.90 -9.24
CA SER C 76 -13.49 21.61 -9.56
C SER C 76 -14.73 21.49 -8.68
N ILE C 77 -14.65 22.16 -7.53
CA ILE C 77 -15.74 22.66 -6.72
C ILE C 77 -15.98 21.64 -5.62
N ASP C 78 -16.98 20.78 -5.80
CA ASP C 78 -17.29 19.76 -4.81
C ASP C 78 -16.43 18.54 -5.12
N ILE C 79 -15.19 18.53 -4.62
CA ILE C 79 -14.38 17.31 -4.63
C ILE C 79 -13.73 17.23 -3.24
N ASN C 80 -14.15 16.26 -2.44
CA ASN C 80 -13.71 16.13 -1.05
C ASN C 80 -12.50 15.24 -0.87
N GLY C 81 -12.18 14.43 -1.89
CA GLY C 81 -11.02 13.56 -1.88
C GLY C 81 -10.63 13.14 -3.27
N TYR C 82 -9.38 12.72 -3.39
CA TYR C 82 -8.87 12.19 -4.63
C TYR C 82 -8.20 10.87 -4.31
N ILE C 83 -8.57 9.85 -5.10
CA ILE C 83 -7.92 8.57 -5.05
C ILE C 83 -7.09 8.48 -6.33
N LEU C 84 -5.81 8.16 -6.19
CA LEU C 84 -4.89 8.06 -7.32
C LEU C 84 -4.43 6.62 -7.53
N VAL C 85 -4.77 6.07 -8.70
CA VAL C 85 -4.60 4.66 -8.95
C VAL C 85 -3.65 4.39 -10.09
N TYR C 86 -2.70 3.48 -9.83
CA TYR C 86 -1.82 2.89 -10.82
C TYR C 86 -1.94 1.37 -10.70
N SER C 87 -1.49 0.63 -11.69
CA SER C 87 -1.49 -0.82 -11.59
C SER C 87 -0.08 -1.28 -11.25
N VAL C 88 0.06 -2.17 -10.26
CA VAL C 88 1.36 -2.75 -9.91
C VAL C 88 2.00 -3.60 -11.04
N THR C 89 1.31 -3.78 -12.17
CA THR C 89 1.86 -4.52 -13.33
C THR C 89 2.31 -3.66 -14.50
N SER C 90 2.51 -2.36 -14.27
CA SER C 90 2.68 -1.44 -15.37
C SER C 90 3.48 -0.21 -14.93
N ILE C 91 4.80 -0.25 -15.15
CA ILE C 91 5.66 0.87 -14.79
C ILE C 91 5.13 2.17 -15.41
N LYS C 92 4.57 2.10 -16.64
CA LYS C 92 4.01 3.27 -17.30
C LYS C 92 2.94 4.00 -16.47
N SER C 93 2.01 3.24 -15.88
CA SER C 93 0.94 3.80 -15.03
C SER C 93 1.47 4.43 -13.73
N PHE C 94 2.65 3.99 -13.28
CA PHE C 94 3.33 4.52 -12.11
C PHE C 94 4.11 5.80 -12.46
N GLU C 95 4.77 5.78 -13.61
CA GLU C 95 5.35 6.97 -14.24
C GLU C 95 4.25 8.04 -14.31
N VAL C 96 3.14 7.67 -14.95
CA VAL C 96 2.06 8.59 -15.25
C VAL C 96 1.41 9.24 -14.02
N ILE C 97 1.39 8.52 -12.90
CA ILE C 97 0.67 8.97 -11.68
C ILE C 97 1.47 10.00 -10.86
N LYS C 98 2.80 9.95 -10.92
CA LYS C 98 3.63 11.07 -10.51
C LYS C 98 3.30 12.36 -11.22
N VAL C 99 2.98 12.27 -12.51
CA VAL C 99 2.69 13.43 -13.33
C VAL C 99 1.32 14.02 -12.96
N ILE C 100 0.27 13.20 -13.08
CA ILE C 100 -1.09 13.51 -12.61
C ILE C 100 -1.08 14.25 -11.28
N HIS C 101 -0.37 13.67 -10.33
CA HIS C 101 -0.20 14.26 -9.03
C HIS C 101 0.36 15.69 -9.08
N GLY C 102 1.36 15.90 -9.95
CA GLY C 102 1.94 17.21 -10.19
C GLY C 102 0.90 18.15 -10.78
N LYS C 103 0.18 17.65 -11.78
CA LYS C 103 -0.83 18.47 -12.47
C LYS C 103 -1.96 18.76 -11.51
N LEU C 104 -2.27 17.80 -10.63
CA LEU C 104 -3.30 17.91 -9.61
C LEU C 104 -3.00 18.97 -8.53
N LEU C 105 -1.86 18.84 -7.84
CA LEU C 105 -1.39 19.90 -6.92
C LEU C 105 -1.48 21.30 -7.56
N ASP C 106 -0.99 21.46 -8.79
CA ASP C 106 -1.03 22.77 -9.48
C ASP C 106 -2.44 23.22 -9.78
N MET C 107 -3.33 22.26 -10.03
CA MET C 107 -4.71 22.55 -10.37
C MET C 107 -5.45 23.22 -9.22
N VAL C 108 -5.22 22.73 -8.01
CA VAL C 108 -5.94 23.21 -6.84
C VAL C 108 -5.05 24.04 -5.91
N GLY C 109 -3.80 23.60 -5.72
CA GLY C 109 -2.85 24.25 -4.80
C GLY C 109 -2.84 23.56 -3.47
N LYS C 110 -2.66 24.35 -2.40
CA LYS C 110 -2.62 23.86 -1.01
C LYS C 110 -3.92 24.09 -0.24
N VAL C 111 -4.89 24.78 -0.87
CA VAL C 111 -6.32 24.70 -0.47
C VAL C 111 -6.69 23.20 -0.44
N GLN C 112 -6.58 22.60 0.75
CA GLN C 112 -6.18 21.20 0.90
C GLN C 112 -7.32 20.20 0.97
N ILE C 113 -7.26 19.22 0.07
CA ILE C 113 -8.18 18.08 0.10
C ILE C 113 -7.32 16.82 0.06
N PRO C 114 -7.75 15.76 0.77
CA PRO C 114 -7.07 14.46 0.84
C PRO C 114 -6.72 13.84 -0.51
N ILE C 115 -5.47 13.37 -0.61
CA ILE C 115 -4.99 12.72 -1.81
C ILE C 115 -4.33 11.43 -1.38
N MET C 116 -4.61 10.38 -2.12
CA MET C 116 -4.30 9.04 -1.68
C MET C 116 -3.81 8.19 -2.85
N LEU C 117 -2.76 7.43 -2.62
CA LEU C 117 -2.22 6.60 -3.68
C LEU C 117 -2.59 5.14 -3.48
N VAL C 118 -3.05 4.49 -4.55
CA VAL C 118 -3.34 3.06 -4.51
C VAL C 118 -2.63 2.32 -5.65
N GLY C 119 -1.88 1.28 -5.31
CA GLY C 119 -1.37 0.31 -6.30
C GLY C 119 -2.31 -0.91 -6.46
N ASN C 120 -3.13 -0.89 -7.50
CA ASN C 120 -4.11 -1.94 -7.75
C ASN C 120 -3.51 -3.19 -8.46
N LYS C 121 -4.31 -4.25 -8.58
CA LYS C 121 -3.93 -5.55 -9.21
C LYS C 121 -2.92 -6.33 -8.39
N LYS C 122 -3.05 -6.26 -7.08
CA LYS C 122 -2.07 -6.93 -6.22
C LYS C 122 -2.26 -8.44 -6.30
N ASP C 123 -3.45 -8.89 -6.66
CA ASP C 123 -3.70 -10.32 -6.93
C ASP C 123 -2.88 -10.94 -8.07
N LEU C 124 -2.19 -10.16 -8.89
CA LEU C 124 -1.41 -10.71 -10.00
C LEU C 124 0.07 -10.83 -9.65
N HIS C 125 0.35 -11.77 -8.74
CA HIS C 125 1.68 -11.91 -8.13
C HIS C 125 2.78 -12.26 -9.13
N MET C 126 2.43 -12.95 -10.21
CA MET C 126 3.40 -13.22 -11.29
C MET C 126 3.65 -12.01 -12.21
N GLU C 127 2.66 -11.11 -12.35
CA GLU C 127 2.79 -9.89 -13.18
C GLU C 127 3.19 -8.59 -12.41
N ARG C 128 3.42 -8.65 -11.11
CA ARG C 128 3.93 -7.48 -10.40
C ARG C 128 5.29 -6.98 -10.97
N VAL C 129 5.41 -5.69 -11.20
CA VAL C 129 6.68 -5.03 -11.56
C VAL C 129 7.06 -3.88 -10.61
N ILE C 130 6.25 -3.64 -9.58
CA ILE C 130 6.47 -2.53 -8.64
C ILE C 130 6.38 -3.10 -7.23
N SER C 131 7.39 -2.83 -6.39
CA SER C 131 7.31 -3.24 -4.99
C SER C 131 6.20 -2.47 -4.28
N TYR C 132 5.71 -3.04 -3.19
CA TYR C 132 4.92 -2.29 -2.24
C TYR C 132 5.82 -1.12 -1.76
N GLU C 133 7.11 -1.41 -1.60
CA GLU C 133 8.03 -0.42 -1.06
C GLU C 133 8.14 0.82 -1.94
N GLU C 134 8.27 0.63 -3.25
CA GLU C 134 8.34 1.77 -4.19
C GLU C 134 7.08 2.65 -4.17
N GLY C 135 5.91 2.03 -4.20
CA GLY C 135 4.65 2.79 -4.13
C GLY C 135 4.43 3.58 -2.84
N LYS C 136 4.78 2.95 -1.71
CA LYS C 136 4.71 3.58 -0.40
C LYS C 136 5.59 4.83 -0.35
N ALA C 137 6.82 4.73 -0.84
CA ALA C 137 7.74 5.87 -0.80
C ALA C 137 7.15 7.07 -1.53
N LEU C 138 6.66 6.86 -2.74
CA LEU C 138 6.03 7.93 -3.48
C LEU C 138 5.00 8.64 -2.61
N ALA C 139 4.05 7.86 -2.10
CA ALA C 139 2.94 8.34 -1.28
C ALA C 139 3.42 9.03 0.00
N GLU C 140 4.48 8.49 0.59
CA GLU C 140 5.15 9.14 1.70
C GLU C 140 5.77 10.48 1.32
N SER C 141 6.40 10.58 0.15
CA SER C 141 6.92 11.87 -0.33
C SER C 141 5.84 12.94 -0.53
N TRP C 142 4.62 12.50 -0.85
CA TRP C 142 3.47 13.38 -0.96
C TRP C 142 2.74 13.60 0.37
N ASN C 143 3.09 12.89 1.45
CA ASN C 143 2.27 12.86 2.66
C ASN C 143 0.86 12.34 2.44
N ALA C 144 0.76 11.29 1.63
CA ALA C 144 -0.50 10.58 1.40
C ALA C 144 -0.51 9.24 2.10
N ALA C 145 -1.72 8.73 2.28
CA ALA C 145 -1.93 7.35 2.59
C ALA C 145 -1.72 6.48 1.36
N PHE C 146 -1.55 5.19 1.64
CA PHE C 146 -1.16 4.24 0.63
C PHE C 146 -1.73 2.88 0.95
N LEU C 147 -2.56 2.38 0.03
CA LEU C 147 -3.04 1.02 0.07
C LEU C 147 -2.64 0.38 -1.24
N GLU C 148 -2.55 -0.94 -1.25
CA GLU C 148 -2.65 -1.69 -2.47
C GLU C 148 -3.97 -2.42 -2.51
N SER C 149 -4.33 -2.91 -3.68
CA SER C 149 -5.68 -3.42 -3.89
C SER C 149 -5.82 -4.41 -5.02
N SER C 150 -6.98 -5.04 -5.04
CA SER C 150 -7.37 -5.99 -6.06
C SER C 150 -8.84 -5.78 -6.31
N ALA C 151 -9.17 -5.28 -7.48
CA ALA C 151 -10.58 -5.24 -7.90
C ALA C 151 -11.37 -6.58 -7.76
N LYS C 152 -10.70 -7.70 -7.91
CA LYS C 152 -11.28 -9.01 -7.65
C LYS C 152 -11.63 -9.24 -6.15
N GLU C 153 -10.95 -8.54 -5.25
CA GLU C 153 -11.10 -8.78 -3.82
C GLU C 153 -11.79 -7.62 -3.06
N ASN C 154 -13.09 -7.80 -2.85
CA ASN C 154 -13.99 -6.83 -2.18
C ASN C 154 -13.49 -6.08 -0.97
N GLN C 155 -12.97 -6.77 0.03
CA GLN C 155 -12.44 -6.11 1.23
C GLN C 155 -11.36 -5.08 0.94
N THR C 156 -10.42 -5.40 0.04
CA THR C 156 -9.35 -4.45 -0.26
C THR C 156 -9.93 -3.15 -0.80
N ALA C 157 -10.97 -3.28 -1.62
CA ALA C 157 -11.60 -2.14 -2.24
C ALA C 157 -12.39 -1.37 -1.24
N VAL C 158 -12.99 -2.06 -0.26
CA VAL C 158 -13.74 -1.42 0.80
C VAL C 158 -12.79 -0.62 1.66
N ASP C 159 -11.65 -1.21 1.98
CA ASP C 159 -10.62 -0.47 2.68
C ASP C 159 -10.29 0.88 1.98
N VAL C 160 -10.27 0.90 0.65
CA VAL C 160 -9.81 2.08 -0.12
C VAL C 160 -10.69 3.33 -0.06
N PHE C 161 -11.99 3.17 -0.27
CA PHE C 161 -12.89 4.31 -0.26
C PHE C 161 -13.22 4.69 1.18
N ARG C 162 -13.19 3.70 2.06
CA ARG C 162 -13.25 3.99 3.48
C ARG C 162 -12.09 4.91 3.92
N ARG C 163 -10.87 4.51 3.56
CA ARG C 163 -9.65 5.19 3.97
C ARG C 163 -9.57 6.65 3.53
N ILE C 164 -10.10 6.95 2.34
CA ILE C 164 -10.14 8.34 1.90
C ILE C 164 -11.02 9.26 2.78
N ILE C 165 -12.02 8.70 3.47
CA ILE C 165 -12.94 9.48 4.31
C ILE C 165 -12.24 9.83 5.64
N LEU C 166 -11.57 8.81 6.15
CA LEU C 166 -10.74 8.91 7.33
C LEU C 166 -9.72 9.99 7.22
N GLU C 167 -9.14 10.07 6.02
CA GLU C 167 -8.15 11.07 5.66
C GLU C 167 -8.77 12.44 5.65
N ALA C 168 -10.05 12.53 5.32
CA ALA C 168 -10.80 13.77 5.50
C ALA C 168 -11.03 14.02 6.98
N GLU C 169 -11.61 13.04 7.68
CA GLU C 169 -11.83 13.12 9.14
C GLU C 169 -10.58 13.56 9.97
N LYS C 170 -9.37 13.11 9.57
CA LYS C 170 -8.10 13.58 10.18
C LYS C 170 -8.02 15.08 10.35
N LEU C 171 -8.76 15.80 9.50
CA LEU C 171 -8.96 17.25 9.59
C LEU C 171 -10.25 17.58 10.37
N GLN D 4 -2.02 -0.06 -61.35
CA GLN D 4 -2.85 -1.26 -61.03
C GLN D 4 -2.91 -1.54 -59.52
N SER D 5 -1.74 -1.60 -58.85
CA SER D 5 -1.57 -2.04 -57.43
C SER D 5 -2.78 -1.80 -56.52
N LYS D 6 -3.35 -2.88 -55.96
CA LYS D 6 -4.75 -2.91 -55.57
C LYS D 6 -4.96 -2.34 -54.19
N SER D 7 -5.81 -1.30 -54.12
CA SER D 7 -6.12 -0.71 -52.83
C SER D 7 -7.26 -1.49 -52.19
N ARG D 8 -7.15 -1.71 -50.88
CA ARG D 8 -8.14 -2.46 -50.12
C ARG D 8 -8.27 -1.86 -48.74
N LYS D 9 -9.45 -2.03 -48.18
CA LYS D 9 -9.86 -1.39 -46.94
C LYS D 9 -10.46 -2.49 -46.04
N ILE D 10 -9.84 -2.71 -44.89
CA ILE D 10 -10.15 -3.84 -44.01
C ILE D 10 -10.50 -3.29 -42.62
N ALA D 11 -11.58 -3.80 -42.02
CA ALA D 11 -12.07 -3.32 -40.70
C ALA D 11 -11.92 -4.41 -39.65
N ILE D 12 -11.43 -4.05 -38.46
CA ILE D 12 -11.12 -5.03 -37.39
C ILE D 12 -12.06 -4.83 -36.19
N LEU D 13 -13.01 -5.75 -36.03
CA LEU D 13 -14.09 -5.60 -35.07
C LEU D 13 -13.94 -6.61 -33.97
N GLY D 14 -14.45 -6.26 -32.78
CA GLY D 14 -14.35 -7.13 -31.62
C GLY D 14 -14.68 -6.41 -30.33
N TYR D 15 -14.62 -7.16 -29.24
CA TYR D 15 -14.96 -6.66 -27.91
C TYR D 15 -13.79 -5.86 -27.37
N ARG D 16 -14.05 -5.08 -26.32
CA ARG D 16 -13.01 -4.33 -25.60
C ARG D 16 -11.86 -5.24 -25.25
N SER D 17 -10.66 -4.78 -25.52
CA SER D 17 -9.44 -5.37 -25.02
C SER D 17 -9.04 -6.76 -25.58
N VAL D 18 -9.65 -7.21 -26.68
CA VAL D 18 -9.23 -8.50 -27.25
C VAL D 18 -7.90 -8.39 -27.97
N GLY D 19 -7.58 -7.19 -28.46
CA GLY D 19 -6.28 -6.90 -29.10
C GLY D 19 -6.36 -6.44 -30.55
N LYS D 20 -7.39 -5.68 -30.89
CA LYS D 20 -7.52 -5.13 -32.24
C LYS D 20 -6.30 -4.24 -32.59
N SER D 21 -6.10 -3.23 -31.75
CA SER D 21 -4.95 -2.33 -31.85
C SER D 21 -3.59 -3.06 -31.74
N SER D 22 -3.41 -3.92 -30.73
CA SER D 22 -2.11 -4.60 -30.58
C SER D 22 -1.79 -5.55 -31.73
N LEU D 23 -2.82 -6.10 -32.38
CA LEU D 23 -2.61 -6.94 -33.58
C LEU D 23 -2.20 -6.11 -34.77
N THR D 24 -2.99 -5.09 -35.04
CA THR D 24 -2.82 -4.27 -36.20
C THR D 24 -1.50 -3.51 -36.15
N ILE D 25 -1.04 -3.19 -34.95
CA ILE D 25 0.24 -2.49 -34.74
C ILE D 25 1.42 -3.47 -34.78
N GLN D 26 1.23 -4.70 -34.34
CA GLN D 26 2.22 -5.73 -34.58
C GLN D 26 2.44 -5.91 -36.10
N PHE D 27 1.35 -5.95 -36.87
CA PHE D 27 1.43 -6.04 -38.33
C PHE D 27 2.18 -4.85 -38.91
N VAL D 28 1.86 -3.66 -38.46
CA VAL D 28 2.33 -2.41 -39.10
C VAL D 28 3.65 -1.79 -38.53
N GLU D 29 3.88 -1.93 -37.23
CA GLU D 29 5.14 -1.46 -36.67
C GLU D 29 6.15 -2.59 -36.43
N GLY D 30 5.66 -3.81 -36.27
CA GLY D 30 6.54 -4.87 -35.80
C GLY D 30 6.85 -4.68 -34.33
N GLN D 31 6.05 -3.87 -33.64
CA GLN D 31 6.19 -3.64 -32.20
C GLN D 31 4.96 -4.18 -31.52
N PHE D 32 5.16 -4.89 -30.42
CA PHE D 32 4.07 -5.21 -29.53
C PHE D 32 3.89 -4.00 -28.61
N VAL D 33 2.73 -3.36 -28.70
CA VAL D 33 2.40 -2.20 -27.83
C VAL D 33 1.74 -2.63 -26.53
N ASP D 34 2.50 -2.42 -25.45
CA ASP D 34 2.03 -2.37 -24.03
C ASP D 34 0.57 -1.88 -23.81
N SER D 35 0.19 -0.75 -24.40
CA SER D 35 -1.24 -0.30 -24.46
C SER D 35 -1.46 0.78 -25.54
N TYR D 36 -2.71 0.91 -26.01
CA TYR D 36 -3.06 1.89 -27.06
C TYR D 36 -4.43 2.54 -26.84
N ASP D 37 -4.54 3.82 -27.19
CA ASP D 37 -5.79 4.62 -27.15
C ASP D 37 -7.09 3.83 -27.46
N PRO D 38 -7.87 3.45 -26.43
CA PRO D 38 -9.07 2.64 -26.69
C PRO D 38 -10.36 3.42 -27.02
N THR D 39 -10.24 4.58 -27.68
CA THR D 39 -11.37 5.50 -27.84
C THR D 39 -11.71 5.79 -29.31
N ILE D 40 -10.79 6.42 -30.02
CA ILE D 40 -11.03 6.85 -31.40
C ILE D 40 -10.92 5.62 -32.32
N GLU D 41 -11.57 5.74 -33.47
CA GLU D 41 -11.30 4.88 -34.62
C GLU D 41 -9.94 5.23 -35.27
N ASN D 42 -8.91 4.39 -35.03
CA ASN D 42 -7.58 4.59 -35.65
C ASN D 42 -7.51 3.96 -37.03
N THR D 43 -6.81 4.63 -37.95
CA THR D 43 -6.62 4.11 -39.32
C THR D 43 -5.12 4.09 -39.70
N PHE D 44 -4.67 2.93 -40.17
CA PHE D 44 -3.26 2.68 -40.49
C PHE D 44 -3.24 2.28 -41.94
N THR D 45 -2.09 2.49 -42.58
CA THR D 45 -1.84 1.98 -43.92
C THR D 45 -0.69 0.98 -43.88
N LYS D 46 -0.71 0.04 -44.80
CA LYS D 46 0.42 -0.83 -44.97
C LYS D 46 0.53 -1.26 -46.43
N LEU D 47 1.75 -1.61 -46.81
CA LEU D 47 2.06 -2.26 -48.07
C LEU D 47 2.42 -3.72 -47.84
N ILE D 48 2.10 -4.55 -48.82
CA ILE D 48 2.18 -6.01 -48.69
C ILE D 48 1.92 -6.61 -50.06
N THR D 49 2.46 -7.80 -50.28
CA THR D 49 2.24 -8.56 -51.50
C THR D 49 1.60 -9.90 -51.16
N VAL D 50 0.63 -10.31 -51.98
CA VAL D 50 -0.02 -11.57 -51.77
C VAL D 50 -0.12 -12.31 -53.11
N ASN D 51 0.57 -13.45 -53.20
CA ASN D 51 0.67 -14.26 -54.43
C ASN D 51 1.15 -13.46 -55.66
N GLY D 52 2.08 -12.53 -55.44
CA GLY D 52 2.57 -11.64 -56.50
C GLY D 52 1.84 -10.30 -56.63
N GLN D 53 0.53 -10.28 -56.29
CA GLN D 53 -0.30 -9.06 -56.39
C GLN D 53 0.02 -8.03 -55.29
N GLU D 54 0.34 -6.80 -55.67
CA GLU D 54 0.67 -5.73 -54.69
C GLU D 54 -0.62 -5.11 -54.17
N TYR D 55 -0.60 -4.74 -52.88
CA TYR D 55 -1.78 -4.19 -52.21
C TYR D 55 -1.45 -2.96 -51.33
N HIS D 56 -2.29 -1.92 -51.49
CA HIS D 56 -2.31 -0.78 -50.57
C HIS D 56 -3.39 -1.06 -49.58
N LEU D 57 -3.02 -1.14 -48.32
CA LEU D 57 -4.00 -1.40 -47.30
C LEU D 57 -4.35 -0.13 -46.57
N GLN D 58 -5.63 0.00 -46.27
CA GLN D 58 -6.12 0.86 -45.20
C GLN D 58 -6.76 -0.07 -44.16
N LEU D 59 -6.30 0.04 -42.92
CA LEU D 59 -6.77 -0.81 -41.83
C LEU D 59 -7.57 0.07 -40.92
N VAL D 60 -8.75 -0.38 -40.51
CA VAL D 60 -9.67 0.43 -39.67
C VAL D 60 -9.85 -0.23 -38.30
N ASP D 61 -9.22 0.39 -37.28
CA ASP D 61 -9.03 -0.19 -35.95
C ASP D 61 -10.03 0.42 -34.99
N THR D 62 -11.12 -0.30 -34.77
CA THR D 62 -12.38 0.29 -34.38
C THR D 62 -12.52 0.42 -32.91
N ALA D 63 -13.50 1.23 -32.49
CA ALA D 63 -13.83 1.46 -31.07
C ALA D 63 -13.63 0.19 -30.19
N GLY D 64 -14.48 -0.80 -30.40
CA GLY D 64 -14.59 -1.96 -29.54
C GLY D 64 -16.06 -2.08 -29.23
N GLN D 65 -16.70 -3.09 -29.82
CA GLN D 65 -18.15 -3.20 -29.82
C GLN D 65 -18.63 -4.00 -28.61
N ASP D 66 -19.95 -4.11 -28.47
CA ASP D 66 -20.62 -5.06 -27.54
C ASP D 66 -22.00 -5.50 -28.11
N GLU D 67 -22.81 -6.19 -27.31
CA GLU D 67 -24.17 -6.63 -27.77
C GLU D 67 -25.07 -5.42 -28.07
N TYR D 68 -24.87 -4.36 -27.28
CA TYR D 68 -25.67 -3.12 -27.32
C TYR D 68 -25.19 -2.09 -28.34
N SER D 69 -24.11 -2.39 -29.05
CA SER D 69 -23.66 -1.58 -30.16
C SER D 69 -24.64 -1.79 -31.31
N ILE D 70 -25.29 -0.71 -31.76
CA ILE D 70 -26.10 -0.76 -32.99
C ILE D 70 -25.21 -0.46 -34.20
N PHE D 71 -25.43 -1.25 -35.25
CA PHE D 71 -24.73 -1.16 -36.51
C PHE D 71 -25.60 -0.44 -37.54
N PRO D 72 -25.28 0.84 -37.83
CA PRO D 72 -25.87 1.48 -38.99
C PRO D 72 -25.73 0.66 -40.27
N GLN D 73 -26.82 -0.01 -40.66
CA GLN D 73 -27.03 -0.50 -42.05
C GLN D 73 -26.84 0.64 -43.06
N THR D 74 -27.20 1.86 -42.65
CA THR D 74 -26.86 3.09 -43.37
C THR D 74 -25.34 3.31 -43.31
N TYR D 75 -24.67 2.68 -44.27
CA TYR D 75 -23.25 2.91 -44.57
C TYR D 75 -23.04 2.75 -46.09
N SER D 76 -22.11 3.52 -46.65
CA SER D 76 -21.78 3.44 -48.09
C SER D 76 -20.91 2.20 -48.40
N ILE D 77 -20.71 1.94 -49.69
CA ILE D 77 -20.23 0.63 -50.19
C ILE D 77 -18.70 0.51 -50.33
N ASP D 78 -17.98 0.90 -49.28
CA ASP D 78 -16.52 1.17 -49.35
C ASP D 78 -15.58 0.20 -48.61
N ILE D 79 -16.12 -0.71 -47.79
CA ILE D 79 -15.32 -1.70 -47.04
C ILE D 79 -15.13 -2.96 -47.89
N ASN D 80 -13.92 -3.53 -47.86
CA ASN D 80 -13.58 -4.72 -48.64
C ASN D 80 -13.51 -6.02 -47.84
N GLY D 81 -13.40 -5.94 -46.51
CA GLY D 81 -13.21 -7.14 -45.69
C GLY D 81 -13.16 -6.92 -44.18
N TYR D 82 -13.63 -7.93 -43.45
CA TYR D 82 -13.78 -7.82 -42.01
C TYR D 82 -13.03 -8.95 -41.30
N ILE D 83 -12.16 -8.57 -40.38
CA ILE D 83 -11.53 -9.50 -39.48
C ILE D 83 -12.21 -9.32 -38.13
N LEU D 84 -12.72 -10.43 -37.58
CA LEU D 84 -13.41 -10.44 -36.29
C LEU D 84 -12.51 -11.14 -35.30
N VAL D 85 -12.19 -10.42 -34.22
CA VAL D 85 -11.22 -10.85 -33.24
C VAL D 85 -11.93 -11.05 -31.95
N TYR D 86 -11.57 -12.10 -31.25
CA TYR D 86 -11.99 -12.35 -29.88
C TYR D 86 -10.71 -12.78 -29.21
N SER D 87 -10.71 -12.92 -27.88
CA SER D 87 -9.50 -13.31 -27.09
C SER D 87 -9.78 -14.67 -26.57
N VAL D 88 -8.77 -15.55 -26.63
CA VAL D 88 -8.86 -16.90 -26.08
C VAL D 88 -8.83 -16.96 -24.54
N THR D 89 -8.59 -15.83 -23.85
CA THR D 89 -8.67 -15.78 -22.38
C THR D 89 -9.96 -15.22 -21.83
N SER D 90 -10.80 -14.64 -22.70
CA SER D 90 -12.13 -14.14 -22.33
C SER D 90 -13.25 -14.96 -23.04
N ILE D 91 -14.13 -15.58 -22.24
CA ILE D 91 -15.30 -16.26 -22.79
C ILE D 91 -16.34 -15.21 -23.19
N LYS D 92 -16.35 -14.06 -22.51
CA LYS D 92 -17.27 -12.95 -22.86
C LYS D 92 -17.01 -12.32 -24.22
N SER D 93 -15.73 -12.15 -24.58
CA SER D 93 -15.32 -11.75 -25.94
C SER D 93 -15.88 -12.66 -27.04
N PHE D 94 -15.93 -13.96 -26.75
CA PHE D 94 -16.38 -14.97 -27.71
C PHE D 94 -17.90 -14.96 -27.84
N GLU D 95 -18.59 -14.72 -26.73
CA GLU D 95 -20.03 -14.45 -26.79
C GLU D 95 -20.33 -13.29 -27.75
N VAL D 96 -19.66 -12.18 -27.51
CA VAL D 96 -19.96 -10.92 -28.21
C VAL D 96 -19.84 -11.10 -29.72
N ILE D 97 -18.80 -11.82 -30.15
CA ILE D 97 -18.49 -11.94 -31.60
C ILE D 97 -19.56 -12.68 -32.40
N LYS D 98 -20.34 -13.53 -31.72
CA LYS D 98 -21.47 -14.22 -32.33
C LYS D 98 -22.53 -13.21 -32.66
N VAL D 99 -22.81 -12.32 -31.71
CA VAL D 99 -23.76 -11.23 -31.94
C VAL D 99 -23.26 -10.29 -33.06
N ILE D 100 -22.00 -9.84 -32.96
CA ILE D 100 -21.39 -8.91 -33.95
C ILE D 100 -21.49 -9.44 -35.37
N HIS D 101 -21.22 -10.72 -35.56
CA HIS D 101 -21.36 -11.33 -36.88
C HIS D 101 -22.82 -11.29 -37.39
N GLY D 102 -23.77 -11.68 -36.53
CA GLY D 102 -25.20 -11.70 -36.87
C GLY D 102 -25.73 -10.32 -37.19
N LYS D 103 -25.27 -9.35 -36.39
CA LYS D 103 -25.57 -7.94 -36.61
C LYS D 103 -24.84 -7.36 -37.83
N LEU D 104 -23.66 -7.88 -38.12
CA LEU D 104 -22.92 -7.48 -39.31
C LEU D 104 -23.63 -7.95 -40.58
N LEU D 105 -24.07 -9.21 -40.63
CA LEU D 105 -24.87 -9.67 -41.78
C LEU D 105 -26.09 -8.79 -42.02
N ASP D 106 -26.66 -8.26 -40.93
CA ASP D 106 -27.69 -7.24 -41.01
C ASP D 106 -27.03 -5.89 -41.31
N MET D 107 -26.30 -5.85 -42.43
CA MET D 107 -25.54 -4.66 -42.89
C MET D 107 -24.91 -5.03 -44.23
N VAL D 108 -24.15 -6.13 -44.25
CA VAL D 108 -23.68 -6.76 -45.49
C VAL D 108 -24.91 -7.31 -46.24
N GLY D 109 -25.34 -8.53 -45.92
CA GLY D 109 -26.46 -9.18 -46.62
C GLY D 109 -26.18 -9.44 -48.09
N LYS D 110 -26.13 -10.72 -48.48
CA LYS D 110 -25.93 -11.16 -49.90
C LYS D 110 -24.54 -10.84 -50.48
N VAL D 111 -24.21 -9.53 -50.54
CA VAL D 111 -22.93 -9.03 -51.10
C VAL D 111 -21.70 -9.74 -50.49
N GLN D 112 -20.73 -10.02 -51.37
CA GLN D 112 -19.70 -11.04 -51.17
C GLN D 112 -18.41 -10.45 -50.58
N ILE D 113 -18.54 -9.92 -49.37
CA ILE D 113 -17.40 -9.38 -48.61
C ILE D 113 -16.92 -10.48 -47.67
N PRO D 114 -15.59 -10.70 -47.62
CA PRO D 114 -15.00 -11.61 -46.68
C PRO D 114 -15.24 -11.23 -45.23
N ILE D 115 -15.62 -12.22 -44.42
CA ILE D 115 -15.58 -12.13 -42.95
C ILE D 115 -14.67 -13.24 -42.43
N MET D 116 -13.80 -12.90 -41.48
CA MET D 116 -12.79 -13.80 -40.90
C MET D 116 -12.84 -13.82 -39.38
N LEU D 117 -12.54 -14.97 -38.77
CA LEU D 117 -12.48 -15.09 -37.32
C LEU D 117 -11.03 -15.23 -36.87
N VAL D 118 -10.66 -14.49 -35.83
CA VAL D 118 -9.33 -14.56 -35.26
C VAL D 118 -9.48 -14.60 -33.76
N GLY D 119 -8.89 -15.61 -33.12
CA GLY D 119 -8.80 -15.67 -31.65
C GLY D 119 -7.44 -15.20 -31.17
N ASN D 120 -7.36 -13.97 -30.66
CA ASN D 120 -6.09 -13.41 -30.27
C ASN D 120 -5.64 -13.91 -28.92
N LYS D 121 -4.41 -13.59 -28.55
CA LYS D 121 -3.84 -13.89 -27.24
C LYS D 121 -3.47 -15.37 -26.99
N LYS D 122 -3.29 -16.18 -28.04
CA LYS D 122 -2.86 -17.60 -27.87
C LYS D 122 -1.53 -17.79 -27.14
N ASP D 123 -0.73 -16.75 -27.04
CA ASP D 123 0.48 -16.77 -26.21
C ASP D 123 0.23 -16.96 -24.69
N LEU D 124 -0.95 -16.55 -24.21
CA LEU D 124 -1.31 -16.67 -22.79
C LEU D 124 -1.91 -18.04 -22.48
N HIS D 125 -1.01 -19.01 -22.27
CA HIS D 125 -1.35 -20.41 -22.13
C HIS D 125 -1.98 -20.71 -20.75
N MET D 126 -1.47 -20.06 -19.70
CA MET D 126 -2.07 -20.14 -18.37
C MET D 126 -3.46 -19.50 -18.26
N GLU D 127 -3.88 -18.72 -19.28
CA GLU D 127 -5.20 -18.05 -19.30
C GLU D 127 -6.22 -18.49 -20.39
N ARG D 128 -5.80 -19.33 -21.34
CA ARG D 128 -6.72 -19.79 -22.40
C ARG D 128 -7.92 -20.62 -21.86
N VAL D 129 -9.10 -20.14 -22.16
CA VAL D 129 -10.33 -20.83 -21.80
C VAL D 129 -11.23 -21.03 -23.03
N ILE D 130 -10.62 -21.04 -24.21
CA ILE D 130 -11.29 -21.42 -25.45
C ILE D 130 -10.31 -22.24 -26.27
N SER D 131 -10.75 -23.43 -26.63
CA SER D 131 -10.03 -24.31 -27.53
C SER D 131 -10.00 -23.69 -28.90
N TYR D 132 -9.00 -24.10 -29.69
CA TYR D 132 -8.98 -23.80 -31.10
C TYR D 132 -10.27 -24.30 -31.76
N GLU D 133 -10.70 -25.49 -31.33
CA GLU D 133 -11.80 -26.18 -31.99
C GLU D 133 -13.17 -25.50 -31.80
N GLU D 134 -13.34 -24.74 -30.72
CA GLU D 134 -14.52 -23.89 -30.58
C GLU D 134 -14.51 -22.77 -31.64
N GLY D 135 -13.31 -22.24 -31.92
CA GLY D 135 -13.11 -21.25 -32.96
C GLY D 135 -13.36 -21.83 -34.34
N LYS D 136 -12.64 -22.91 -34.66
CA LYS D 136 -12.70 -23.51 -35.99
C LYS D 136 -14.13 -23.83 -36.38
N ALA D 137 -14.90 -24.37 -35.45
CA ALA D 137 -16.26 -24.77 -35.72
C ALA D 137 -17.19 -23.60 -35.90
N LEU D 138 -16.90 -22.49 -35.20
CA LEU D 138 -17.68 -21.26 -35.40
C LEU D 138 -17.52 -20.76 -36.84
N ALA D 139 -16.29 -20.74 -37.31
CA ALA D 139 -16.00 -20.19 -38.63
C ALA D 139 -16.65 -21.07 -39.67
N GLU D 140 -16.48 -22.39 -39.54
CA GLU D 140 -17.21 -23.34 -40.39
C GLU D 140 -18.76 -23.26 -40.31
N SER D 141 -19.32 -22.80 -39.18
CA SER D 141 -20.74 -22.46 -39.15
C SER D 141 -21.10 -21.15 -39.88
N TRP D 142 -20.10 -20.40 -40.35
CA TRP D 142 -20.27 -19.25 -41.25
C TRP D 142 -19.62 -19.43 -42.63
N ASN D 143 -18.89 -20.53 -42.83
CA ASN D 143 -17.96 -20.73 -43.96
C ASN D 143 -16.90 -19.63 -44.11
N ALA D 144 -16.44 -19.12 -42.98
CA ALA D 144 -15.41 -18.10 -42.93
C ALA D 144 -14.07 -18.75 -42.64
N ALA D 145 -12.98 -18.05 -42.92
CA ALA D 145 -11.66 -18.52 -42.54
C ALA D 145 -11.49 -18.28 -41.05
N PHE D 146 -10.53 -18.99 -40.46
CA PHE D 146 -10.22 -18.88 -39.05
C PHE D 146 -8.71 -18.98 -38.73
N LEU D 147 -8.26 -18.12 -37.83
CA LEU D 147 -6.94 -18.23 -37.27
C LEU D 147 -6.89 -17.92 -35.77
N GLU D 148 -5.78 -18.30 -35.14
CA GLU D 148 -5.39 -17.82 -33.82
C GLU D 148 -4.15 -16.94 -33.93
N SER D 149 -4.21 -15.78 -33.26
CA SER D 149 -3.10 -14.82 -33.28
C SER D 149 -2.56 -14.52 -31.88
N SER D 150 -1.33 -14.01 -31.87
CA SER D 150 -0.74 -13.33 -30.75
C SER D 150 -0.19 -12.02 -31.31
N ALA D 151 -0.53 -10.91 -30.68
CA ALA D 151 0.15 -9.65 -30.96
C ALA D 151 1.63 -9.63 -30.49
N LYS D 152 2.01 -10.57 -29.62
CA LYS D 152 3.42 -10.77 -29.30
C LYS D 152 4.24 -11.49 -30.42
N GLU D 153 3.58 -12.01 -31.47
CA GLU D 153 4.24 -12.80 -32.53
C GLU D 153 3.95 -12.31 -33.94
N ASN D 154 4.91 -11.59 -34.52
CA ASN D 154 4.76 -10.91 -35.81
C ASN D 154 4.18 -11.78 -36.92
N GLN D 155 4.69 -12.99 -37.05
CA GLN D 155 4.26 -13.89 -38.10
C GLN D 155 2.75 -14.19 -38.05
N THR D 156 2.21 -14.38 -36.87
CA THR D 156 0.81 -14.69 -36.75
C THR D 156 0.01 -13.45 -37.15
N ALA D 157 0.48 -12.28 -36.74
CA ALA D 157 -0.19 -11.03 -37.07
C ALA D 157 -0.09 -10.74 -38.57
N VAL D 158 1.08 -11.00 -39.14
CA VAL D 158 1.29 -11.02 -40.59
C VAL D 158 0.37 -11.99 -41.34
N ASP D 159 0.23 -13.20 -40.81
CA ASP D 159 -0.66 -14.22 -41.42
C ASP D 159 -2.15 -13.87 -41.40
N VAL D 160 -2.55 -13.15 -40.36
CA VAL D 160 -3.93 -12.69 -40.23
C VAL D 160 -4.39 -11.78 -41.37
N PHE D 161 -3.50 -10.88 -41.79
CA PHE D 161 -3.82 -9.90 -42.80
C PHE D 161 -3.58 -10.44 -44.21
N ARG D 162 -2.59 -11.28 -44.39
CA ARG D 162 -2.52 -11.99 -45.66
C ARG D 162 -3.82 -12.71 -45.91
N ARG D 163 -4.18 -13.58 -44.97
CA ARG D 163 -5.33 -14.44 -45.11
C ARG D 163 -6.58 -13.71 -45.56
N ILE D 164 -6.90 -12.57 -44.94
CA ILE D 164 -8.10 -11.82 -45.32
C ILE D 164 -8.09 -11.34 -46.76
N ILE D 165 -6.90 -11.01 -47.25
CA ILE D 165 -6.69 -10.74 -48.68
C ILE D 165 -6.88 -12.01 -49.51
N LEU D 166 -6.27 -13.11 -49.06
CA LEU D 166 -6.42 -14.41 -49.73
C LEU D 166 -7.88 -14.76 -49.95
N GLU D 167 -8.70 -14.42 -48.95
CA GLU D 167 -10.13 -14.66 -49.00
C GLU D 167 -10.83 -13.60 -49.83
N ALA D 168 -10.29 -12.38 -49.83
CA ALA D 168 -10.68 -11.35 -50.78
C ALA D 168 -10.56 -11.81 -52.26
N GLU D 169 -9.34 -12.18 -52.68
CA GLU D 169 -9.07 -12.70 -54.03
C GLU D 169 -10.13 -13.69 -54.47
N LYS D 170 -10.47 -14.60 -53.57
CA LYS D 170 -11.39 -15.67 -53.86
C LYS D 170 -12.82 -15.28 -54.25
N LEU D 171 -13.22 -14.02 -54.10
CA LEU D 171 -14.61 -13.62 -54.39
C LEU D 171 -14.74 -12.63 -55.55
MG MG E . 16.15 0.19 19.12
PB GDP F . 14.96 2.95 19.78
O1B GDP F . 15.69 2.07 18.79
O2B GDP F . 15.80 4.06 20.41
O3B GDP F . 14.20 2.16 20.78
O3A GDP F . 13.87 3.76 18.88
PA GDP F . 13.28 3.14 17.50
O1A GDP F . 12.88 1.74 17.87
O2A GDP F . 14.27 3.39 16.41
O5' GDP F . 11.97 3.99 17.15
C5' GDP F . 11.13 4.30 18.27
C4' GDP F . 9.71 4.65 17.87
O4' GDP F . 9.64 5.98 17.38
C3' GDP F . 9.16 3.79 16.75
O3' GDP F . 7.74 3.68 16.95
C2' GDP F . 9.51 4.56 15.50
O2' GDP F . 8.56 4.21 14.50
C1' GDP F . 9.40 6.01 15.99
N9 GDP F . 10.37 6.99 15.40
C8 GDP F . 11.71 6.94 15.44
N7 GDP F . 12.27 8.01 14.80
C5 GDP F . 11.28 8.76 14.38
C6 GDP F . 11.17 10.03 13.66
O6 GDP F . 12.18 10.66 13.30
N1 GDP F . 9.95 10.50 13.40
C2 GDP F . 8.82 9.87 13.77
N2 GDP F . 7.61 10.41 13.45
N3 GDP F . 8.86 8.69 14.45
C4 GDP F . 10.03 8.11 14.77
MG MG G . 5.28 -2.29 27.98
PB GDP H . 3.47 -0.94 24.82
O1B GDP H . 2.26 -1.72 24.40
O2B GDP H . 4.71 -1.08 23.94
O3B GDP H . 3.66 -0.99 26.32
O3A GDP H . 2.96 0.53 24.56
PA GDP H . 3.37 1.69 25.59
O1A GDP H . 2.48 1.49 26.80
O2A GDP H . 4.88 1.71 25.61
O5' GDP H . 2.83 3.05 24.86
C5' GDP H . 3.15 3.30 23.49
C4' GDP H . 3.52 4.72 23.18
O4' GDP H . 2.34 5.39 22.76
C3' GDP H . 4.02 5.45 24.40
O3' GDP H . 4.79 6.56 23.98
C2' GDP H . 2.74 5.95 25.04
O2' GDP H . 3.03 7.08 25.87
C1' GDP H . 1.84 6.21 23.81
N9 GDP H . 0.42 5.88 24.01
C8 GDP H . -0.06 4.73 24.51
N7 GDP H . -1.41 4.74 24.57
C5 GDP H . -1.83 5.92 24.08
C6 GDP H . -3.14 6.58 23.87
O6 GDP H . -4.22 6.03 24.14
N1 GDP H . -3.14 7.81 23.37
C2 GDP H . -2.02 8.47 23.05
N2 GDP H . -2.11 9.73 22.55
N3 GDP H . -0.79 7.92 23.22
C4 GDP H . -0.63 6.67 23.72
C2 E7V I . 4.42 -15.09 26.89
C4 E7V I . 6.35 -14.33 25.69
C5 E7V I . 5.58 -14.07 24.55
C7 E7V I . 4.12 -15.59 28.18
C6 E7V I . 4.20 -14.32 24.59
C8 E7V I . 5.31 -15.64 28.91
C1 E7V I . 3.62 -14.83 25.76
C11 E7V I . 5.35 -16.14 30.32
C3 E7V I . 5.79 -14.84 26.86
CL1 E7V I . 11.04 -9.40 24.20
C19 E7V I . 9.71 -10.59 23.91
C20 E7V I . 9.83 -11.92 24.30
CL2 E7V I . 11.33 -12.54 25.11
C21 E7V I . 8.78 -12.80 24.04
C18 E7V I . 8.54 -10.16 23.28
C17 E7V I . 7.49 -11.04 23.04
C16 E7V I . 7.60 -12.37 23.43
S15 E7V I . 6.30 -13.44 23.12
BR1 E7V I . 1.76 -15.20 25.85
O12 E7V I . 5.15 -15.33 31.26
O13 E7V I . 5.55 -17.36 30.53
N9 E7V I . 6.31 -15.17 28.08
C14 E7V I . 7.76 -15.02 28.34
C24 E7V I . 8.18 -14.76 29.78
C25 E7V I . 7.74 -13.61 30.44
C26 E7V I . 8.13 -13.37 31.75
C29 E7V I . 9.04 -15.64 30.43
C28 E7V I . 9.44 -15.40 31.74
C27 E7V I . 8.98 -14.25 32.42
C30 E7V I . 9.36 -13.91 33.84
O31 E7V I . 10.34 -13.19 33.98
N32 E7V I . 8.62 -14.35 34.88
C33 E7V I . 9.18 -14.85 36.14
C34 E7V I . 7.16 -14.36 34.84
MG MG J . -12.77 2.99 -16.52
PB GDP K . -9.83 1.54 -15.80
O1B GDP K . -11.28 1.73 -15.39
O2B GDP K . -8.77 1.92 -14.79
O3B GDP K . -9.46 2.06 -17.17
O3A GDP K . -9.54 -0.05 -15.84
PA GDP K . -10.73 -1.13 -15.74
O1A GDP K . -11.51 -1.07 -17.01
O2A GDP K . -11.38 -1.09 -14.39
O5' GDP K . -9.91 -2.51 -15.77
C5' GDP K . -8.99 -2.80 -16.84
C4' GDP K . -8.85 -4.30 -16.96
O4' GDP K . -8.22 -4.78 -15.78
C3' GDP K . -10.19 -5.03 -17.04
O3' GDP K . -10.11 -6.16 -17.93
C2' GDP K . -10.44 -5.49 -15.64
O2' GDP K . -11.26 -6.67 -15.69
C1' GDP K . -9.04 -5.71 -15.09
N9 GDP K . -8.76 -5.38 -13.66
C8 GDP K . -9.06 -4.22 -13.04
N7 GDP K . -8.64 -4.21 -11.75
C5 GDP K . -8.05 -5.39 -11.56
C6 GDP K . -7.38 -6.03 -10.42
O6 GDP K . -7.27 -5.46 -9.35
N1 GDP K . -6.87 -7.26 -10.58
C2 GDP K . -6.97 -7.94 -11.73
N2 GDP K . -6.44 -9.18 -11.78
N3 GDP K . -7.57 -7.40 -12.84
C4 GDP K . -8.12 -6.15 -12.81
MG MG L . -8.15 -0.64 -29.15
PB GDP M . -8.35 -3.44 -28.17
O1B GDP M . -9.27 -4.49 -28.76
O2B GDP M . -8.95 -2.60 -27.07
O3B GDP M . -7.58 -2.62 -29.20
O3A GDP M . -7.23 -4.32 -27.45
PA GDP M . -5.83 -3.63 -27.21
O1A GDP M . -5.14 -3.69 -28.57
O2A GDP M . -5.92 -2.38 -26.40
O5' GDP M . -5.08 -4.70 -26.30
C5' GDP M . -5.71 -5.15 -25.10
C4' GDP M . -4.69 -5.43 -24.02
O4' GDP M . -4.25 -6.77 -24.19
C3' GDP M . -3.47 -4.54 -24.15
O3' GDP M . -2.97 -4.32 -22.85
C2' GDP M . -2.47 -5.36 -24.92
O2' GDP M . -1.15 -5.09 -24.41
C1' GDP M . -2.89 -6.81 -24.66
N9 GDP M . -2.85 -7.71 -25.84
C8 GDP M . -3.42 -7.49 -27.06
N7 GDP M . -3.22 -8.54 -27.90
C5 GDP M . -2.52 -9.46 -27.18
C6 GDP M . -1.97 -10.82 -27.42
O6 GDP M . -2.12 -11.34 -28.55
N1 GDP M . -1.33 -11.44 -26.42
C2 GDP M . -1.16 -10.86 -25.24
N2 GDP M . -0.50 -11.50 -24.26
N3 GDP M . -1.64 -9.65 -24.97
C4 GDP M . -2.32 -8.91 -25.84
#